data_5DBG
#
_entry.id   5DBG
#
_cell.length_a   92.124
_cell.length_b   95.583
_cell.length_c   173.036
_cell.angle_alpha   90.000
_cell.angle_beta   90.000
_cell.angle_gamma   90.000
#
_symmetry.space_group_name_H-M   'C 2 2 21'
#
loop_
_entity.id
_entity.type
_entity.pdbx_description
1 polymer 'Iridoid synthase'
2 non-polymer NICOTINAMIDE-ADENINE-DINUCLEOTIDE
3 water water
#
_entity_poly.entity_id   1
_entity_poly.type   'polypeptide(L)'
_entity_poly.pdbx_seq_one_letter_code
;KSYKSVALVVGVTGIVGSSLAEVLKLPDTPGGPWKVYGVARRPCPVWLAKKPVEYIQCDVSDNQETISKLSPLKDITHIF
YVSWIGSEDCQTNATMFKNILNSVIPNASNLQHVCLQTGIKHYFGIFEEGSKVVPHDSPFTEDLPRLNVPNFYHDLEDIL
YEETGKNNLTWSVHRPALVFGFSPCSMMNIVSTLCVYATICKHENKALVYPGSKNSWNCYADAVDADLVAEHEIWAAVDP
KAKNQVLNCNNGDVFKWKHIWKKLAEEFGIEMVGYVEGKEQVSLAELMKDKDQVWDEIVKKNNLVPTKLKEIAAFWFADI
AFCSENLISSMNKSKELGFLGFRNSMKSFVSCIDKMRDYRFIPASAWSHPQFEK
;
_entity_poly.pdbx_strand_id   A,B
#
# COMPACT_ATOMS: atom_id res chain seq x y z
N LYS A 1 21.48 1.01 31.51
CA LYS A 1 20.11 0.72 30.99
C LYS A 1 19.64 -0.59 31.57
N SER A 2 18.93 -0.53 32.69
CA SER A 2 18.19 -1.72 33.15
C SER A 2 16.68 -1.45 33.07
N TYR A 3 15.98 -2.41 32.50
CA TYR A 3 14.56 -2.29 32.25
C TYR A 3 13.93 -3.64 32.58
N LYS A 4 12.71 -3.58 33.02
CA LYS A 4 11.97 -4.76 33.24
C LYS A 4 11.40 -5.24 31.87
N SER A 5 10.89 -4.30 31.08
CA SER A 5 10.25 -4.67 29.81
C SER A 5 10.74 -3.79 28.65
N VAL A 6 10.74 -4.35 27.43
CA VAL A 6 11.20 -3.61 26.28
C VAL A 6 10.09 -3.69 25.19
N ALA A 7 9.43 -2.57 24.95
CA ALA A 7 8.39 -2.51 23.91
C ALA A 7 8.88 -2.09 22.54
N LEU A 8 8.42 -2.83 21.52
CA LEU A 8 8.42 -2.39 20.16
C LEU A 8 7.05 -1.87 19.78
N VAL A 9 6.95 -0.57 19.60
CA VAL A 9 5.69 0.08 19.22
C VAL A 9 5.73 0.35 17.75
N VAL A 10 5.06 -0.50 16.99
CA VAL A 10 4.99 -0.35 15.56
C VAL A 10 3.82 0.58 15.19
N GLY A 11 4.17 1.79 14.77
CA GLY A 11 3.23 2.85 14.45
C GLY A 11 3.27 3.94 15.52
N VAL A 12 4.48 4.32 15.91
CA VAL A 12 4.67 5.21 17.08
C VAL A 12 4.19 6.64 16.87
N THR A 13 3.97 7.02 15.62
CA THR A 13 3.37 8.33 15.31
C THR A 13 1.87 8.26 15.18
N GLY A 14 1.33 7.06 15.25
CA GLY A 14 -0.08 6.90 15.16
C GLY A 14 -0.90 7.33 16.40
N ILE A 15 -2.20 7.23 16.23
CA ILE A 15 -3.15 7.72 17.23
C ILE A 15 -3.08 6.96 18.55
N VAL A 16 -2.84 5.64 18.46
CA VAL A 16 -2.57 4.86 19.64
C VAL A 16 -1.10 4.74 19.94
N GLY A 17 -0.27 4.53 18.89
CA GLY A 17 1.22 4.50 19.12
C GLY A 17 1.76 5.68 19.98
N SER A 18 1.30 6.88 19.67
CA SER A 18 1.77 8.07 20.29
C SER A 18 1.37 8.14 21.80
N SER A 19 0.22 7.52 22.18
CA SER A 19 -0.19 7.44 23.57
C SER A 19 0.63 6.40 24.28
N LEU A 20 0.87 5.27 23.64
CA LEU A 20 1.75 4.24 24.21
C LEU A 20 3.07 4.80 24.58
N ALA A 21 3.62 5.65 23.72
CA ALA A 21 4.93 6.24 23.98
C ALA A 21 4.92 7.08 25.27
N GLU A 22 3.77 7.63 25.62
CA GLU A 22 3.60 8.35 26.89
C GLU A 22 3.26 7.45 28.07
N VAL A 23 2.28 6.57 27.86
CA VAL A 23 1.77 5.67 28.88
C VAL A 23 2.84 4.67 29.31
N LEU A 24 3.62 4.17 28.36
CA LEU A 24 4.69 3.21 28.77
C LEU A 24 5.73 3.82 29.72
N LYS A 25 5.89 5.14 29.69
CA LYS A 25 6.89 5.82 30.53
C LYS A 25 6.40 6.30 31.89
N LEU A 26 5.14 6.04 32.23
CA LEU A 26 4.67 6.42 33.54
C LEU A 26 5.24 5.49 34.59
N PRO A 27 5.53 6.04 35.77
CA PRO A 27 6.17 5.25 36.82
C PRO A 27 5.33 4.07 37.26
N ASP A 28 4.01 4.17 37.33
CA ASP A 28 3.24 3.04 37.83
C ASP A 28 2.74 2.06 36.77
N THR A 29 3.15 2.24 35.53
CA THR A 29 2.61 1.41 34.44
C THR A 29 3.02 -0.02 34.67
N PRO A 30 2.06 -0.97 34.66
CA PRO A 30 2.37 -2.40 34.72
C PRO A 30 3.50 -2.82 33.74
N GLY A 31 4.40 -3.68 34.21
CA GLY A 31 5.54 -4.13 33.45
C GLY A 31 6.75 -3.28 33.48
N GLY A 32 6.64 -2.08 34.07
CA GLY A 32 7.67 -1.08 34.04
C GLY A 32 8.83 -1.41 35.00
N PRO A 33 9.98 -0.77 34.85
CA PRO A 33 10.22 0.26 33.88
C PRO A 33 10.40 -0.27 32.44
N TRP A 34 9.87 0.51 31.50
CA TRP A 34 9.87 0.15 30.07
C TRP A 34 10.88 0.92 29.28
N LYS A 35 11.61 0.21 28.43
CA LYS A 35 12.26 0.83 27.31
C LYS A 35 11.32 0.82 26.09
N VAL A 36 11.37 1.89 25.33
CA VAL A 36 10.49 2.05 24.16
C VAL A 36 11.22 2.27 22.85
N TYR A 37 11.12 1.29 21.95
CA TYR A 37 11.48 1.47 20.52
C TYR A 37 10.21 1.86 19.73
N GLY A 38 10.27 2.92 18.98
CA GLY A 38 9.10 3.39 18.26
C GLY A 38 9.40 3.39 16.79
N VAL A 39 8.61 2.65 16.03
CA VAL A 39 8.79 2.55 14.58
C VAL A 39 7.69 3.27 13.84
N ALA A 40 8.05 4.06 12.84
CA ALA A 40 7.07 4.67 11.93
C ALA A 40 7.72 4.94 10.55
N ARG A 41 6.91 5.34 9.58
CA ARG A 41 7.35 5.35 8.23
C ARG A 41 8.22 6.59 7.92
N ARG A 42 7.91 7.69 8.58
CA ARG A 42 8.51 8.98 8.29
C ARG A 42 9.68 9.29 9.23
N PRO A 43 10.52 10.31 8.88
CA PRO A 43 11.54 10.71 9.79
C PRO A 43 10.86 11.18 11.05
N CYS A 44 11.55 11.08 12.16
CA CYS A 44 10.94 11.44 13.45
C CYS A 44 10.38 12.83 13.40
N PRO A 45 9.08 13.00 13.64
CA PRO A 45 8.62 14.38 13.58
C PRO A 45 9.03 15.17 14.81
N VAL A 46 9.01 16.49 14.64
CA VAL A 46 9.53 17.40 15.65
C VAL A 46 8.79 17.17 16.98
N TRP A 47 7.48 16.93 16.92
CA TRP A 47 6.68 16.76 18.15
C TRP A 47 6.96 15.44 18.88
N LEU A 48 7.84 14.57 18.35
CA LEU A 48 8.26 13.33 19.02
C LEU A 48 9.73 13.32 19.37
N ALA A 49 10.48 14.25 18.80
CA ALA A 49 11.91 14.25 18.94
C ALA A 49 12.29 14.51 20.41
N LYS A 50 11.35 15.07 21.20
CA LYS A 50 11.61 15.38 22.61
C LYS A 50 11.03 14.37 23.63
N LYS A 51 10.61 13.19 23.14
CA LYS A 51 10.18 12.07 23.99
C LYS A 51 11.28 11.02 24.12
N PRO A 52 11.33 10.32 25.27
CA PRO A 52 12.32 9.26 25.51
C PRO A 52 11.88 7.92 24.88
N VAL A 53 11.95 7.88 23.56
CA VAL A 53 11.69 6.71 22.75
C VAL A 53 12.81 6.63 21.74
N GLU A 54 13.28 5.42 21.47
CA GLU A 54 14.29 5.22 20.45
C GLU A 54 13.52 5.05 19.14
N TYR A 55 13.58 6.08 18.30
CA TYR A 55 12.75 6.21 17.13
C TYR A 55 13.47 5.52 16.00
N ILE A 56 12.79 4.63 15.30
CA ILE A 56 13.32 3.97 14.15
C ILE A 56 12.45 4.24 12.94
N GLN A 57 12.93 5.02 11.97
CA GLN A 57 12.20 5.20 10.71
C GLN A 57 12.43 3.95 9.88
N CYS A 58 11.34 3.33 9.45
CA CYS A 58 11.46 2.08 8.72
C CYS A 58 10.23 1.95 7.89
N ASP A 59 10.38 1.60 6.60
CA ASP A 59 9.23 1.23 5.80
C ASP A 59 9.01 -0.25 6.09
N VAL A 60 8.04 -0.57 6.93
CA VAL A 60 7.89 -1.96 7.31
C VAL A 60 7.23 -2.85 6.24
N SER A 61 6.78 -2.27 5.13
CA SER A 61 6.37 -3.09 3.97
C SER A 61 7.58 -3.65 3.16
N ASP A 62 8.77 -3.14 3.42
CA ASP A 62 10.04 -3.60 2.80
C ASP A 62 10.73 -4.60 3.72
N ASN A 63 10.70 -5.83 3.27
CA ASN A 63 11.16 -6.98 4.09
C ASN A 63 12.67 -6.79 4.45
N GLN A 64 13.50 -6.39 3.46
CA GLN A 64 14.95 -6.31 3.71
C GLN A 64 15.28 -5.17 4.65
N GLU A 65 14.55 -4.06 4.52
CA GLU A 65 14.77 -2.88 5.36
C GLU A 65 14.36 -3.18 6.81
N THR A 66 13.22 -3.82 6.93
CA THR A 66 12.73 -4.21 8.24
C THR A 66 13.70 -5.18 8.98
N ILE A 67 14.20 -6.14 8.24
CA ILE A 67 15.22 -7.02 8.79
C ILE A 67 16.45 -6.23 9.23
N SER A 68 16.96 -5.39 8.37
CA SER A 68 18.20 -4.71 8.74
C SER A 68 18.00 -3.82 9.97
N LYS A 69 16.84 -3.17 10.07
CA LYS A 69 16.57 -2.27 11.19
C LYS A 69 16.10 -2.89 12.51
N LEU A 70 15.34 -3.99 12.44
CA LEU A 70 14.80 -4.61 13.64
C LEU A 70 15.53 -5.85 14.14
N SER A 71 16.19 -6.56 13.25
CA SER A 71 17.03 -7.74 13.69
C SER A 71 18.04 -7.47 14.78
N PRO A 72 18.65 -6.28 14.82
CA PRO A 72 19.60 -6.04 15.91
C PRO A 72 18.99 -5.81 17.27
N LEU A 73 17.66 -5.67 17.36
CA LEU A 73 16.94 -5.39 18.62
C LEU A 73 16.65 -6.67 19.43
N LYS A 74 17.72 -7.17 20.07
CA LYS A 74 17.70 -8.47 20.76
C LYS A 74 16.89 -8.44 22.08
N ASP A 75 16.64 -7.26 22.62
CA ASP A 75 16.13 -7.14 23.94
C ASP A 75 14.57 -7.00 24.02
N ILE A 76 13.90 -7.02 22.86
CA ILE A 76 12.43 -6.78 22.82
C ILE A 76 11.71 -7.89 23.61
N THR A 77 10.77 -7.48 24.46
CA THR A 77 9.93 -8.40 25.20
C THR A 77 8.45 -8.44 24.75
N HIS A 78 7.97 -7.32 24.22
CA HIS A 78 6.52 -7.13 23.91
C HIS A 78 6.41 -6.34 22.64
N ILE A 79 5.69 -6.86 21.67
CA ILE A 79 5.41 -6.16 20.48
C ILE A 79 3.98 -5.59 20.53
N PHE A 80 3.85 -4.31 20.15
CA PHE A 80 2.53 -3.60 20.04
C PHE A 80 2.33 -3.15 18.62
N TYR A 81 1.58 -3.88 17.84
CA TYR A 81 1.36 -3.61 16.43
C TYR A 81 0.11 -2.76 16.31
N VAL A 82 0.39 -1.47 16.15
CA VAL A 82 -0.61 -0.41 16.10
C VAL A 82 -0.50 0.40 14.84
N SER A 83 -0.51 -0.30 13.71
CA SER A 83 -0.31 0.33 12.45
C SER A 83 -1.25 -0.27 11.39
N TRP A 84 -1.32 0.39 10.26
CA TRP A 84 -1.93 -0.18 9.02
C TRP A 84 -1.38 0.62 7.82
N ILE A 85 -1.63 0.17 6.58
CA ILE A 85 -0.91 0.84 5.48
C ILE A 85 -1.64 2.08 5.02
N GLY A 86 -2.90 2.23 5.42
CA GLY A 86 -3.68 3.37 4.99
C GLY A 86 -4.59 3.09 3.80
N SER A 87 -4.62 1.85 3.39
CA SER A 87 -5.69 1.32 2.59
C SER A 87 -6.19 0.00 3.23
N GLU A 88 -7.23 -0.54 2.64
CA GLU A 88 -7.84 -1.81 3.07
C GLU A 88 -7.30 -3.03 2.42
N ASP A 89 -6.23 -2.90 1.65
CA ASP A 89 -5.62 -4.01 0.89
C ASP A 89 -5.18 -5.09 1.84
N CYS A 90 -5.70 -6.30 1.67
CA CYS A 90 -5.34 -7.40 2.57
C CYS A 90 -3.89 -7.84 2.50
N GLN A 91 -3.35 -7.83 1.30
CA GLN A 91 -1.99 -8.26 1.05
C GLN A 91 -0.96 -7.29 1.59
N THR A 92 -1.11 -6.00 1.30
CA THR A 92 -0.09 -5.01 1.71
C THR A 92 -0.12 -4.79 3.27
N ASN A 93 -1.30 -4.84 3.87
CA ASN A 93 -1.38 -4.83 5.37
C ASN A 93 -0.74 -6.06 5.98
N ALA A 94 -0.95 -7.23 5.33
CA ALA A 94 -0.45 -8.43 5.90
C ALA A 94 1.07 -8.46 5.81
N THR A 95 1.60 -7.93 4.68
CA THR A 95 3.06 -7.92 4.48
C THR A 95 3.77 -7.16 5.64
N MET A 96 3.22 -6.02 6.01
CA MET A 96 3.73 -5.22 7.16
C MET A 96 3.85 -5.99 8.43
N PHE A 97 2.79 -6.72 8.79
CA PHE A 97 2.73 -7.43 10.04
C PHE A 97 3.66 -8.63 9.99
N LYS A 98 3.64 -9.39 8.88
CA LYS A 98 4.61 -10.51 8.72
C LYS A 98 6.08 -10.05 8.79
N ASN A 99 6.43 -8.92 8.17
CA ASN A 99 7.80 -8.46 8.22
C ASN A 99 8.21 -8.09 9.67
N ILE A 100 7.29 -7.53 10.45
CA ILE A 100 7.58 -7.27 11.87
C ILE A 100 7.91 -8.56 12.58
N LEU A 101 7.03 -9.55 12.44
CA LEU A 101 7.24 -10.80 13.14
C LEU A 101 8.43 -11.62 12.68
N ASN A 102 8.62 -11.68 11.38
CA ASN A 102 9.76 -12.37 10.80
C ASN A 102 11.10 -11.74 11.15
N SER A 103 11.14 -10.41 11.40
CA SER A 103 12.33 -9.71 11.81
C SER A 103 12.71 -9.79 13.28
N VAL A 104 11.69 -9.86 14.13
CA VAL A 104 11.87 -9.82 15.56
C VAL A 104 11.81 -11.19 16.20
N ILE A 105 10.91 -12.07 15.76
CA ILE A 105 10.80 -13.40 16.46
C ILE A 105 12.12 -14.22 16.51
N PRO A 106 12.85 -14.30 15.41
CA PRO A 106 14.12 -15.00 15.47
C PRO A 106 15.24 -14.31 16.21
N ASN A 107 15.09 -13.04 16.54
CA ASN A 107 16.20 -12.31 17.12
C ASN A 107 16.03 -11.86 18.58
N ALA A 108 14.80 -11.84 19.06
CA ALA A 108 14.49 -11.42 20.41
C ALA A 108 14.24 -12.62 21.28
N SER A 109 15.31 -13.14 21.91
CA SER A 109 15.21 -14.44 22.63
C SER A 109 14.32 -14.33 23.86
N ASN A 110 14.06 -13.12 24.35
CA ASN A 110 13.09 -12.96 25.44
C ASN A 110 11.74 -12.42 25.13
N LEU A 111 11.35 -12.53 23.87
CA LEU A 111 10.04 -12.07 23.45
C LEU A 111 8.99 -12.89 24.19
N GLN A 112 7.96 -12.21 24.69
CA GLN A 112 6.87 -12.85 25.43
C GLN A 112 5.52 -12.75 24.74
N HIS A 113 5.25 -11.62 24.11
CA HIS A 113 3.86 -11.26 23.73
C HIS A 113 3.78 -10.40 22.54
N VAL A 114 2.74 -10.64 21.75
CA VAL A 114 2.41 -9.82 20.63
C VAL A 114 0.97 -9.32 20.79
N CYS A 115 0.81 -8.00 20.84
CA CYS A 115 -0.52 -7.29 20.81
C CYS A 115 -0.81 -6.83 19.42
N LEU A 116 -1.93 -7.23 18.92
CA LEU A 116 -2.37 -6.85 17.57
C LEU A 116 -3.60 -5.94 17.74
N GLN A 117 -3.54 -4.74 17.20
CA GLN A 117 -4.70 -3.85 17.23
C GLN A 117 -5.44 -3.88 15.91
N THR A 118 -6.73 -4.22 15.98
CA THR A 118 -7.60 -4.18 14.83
C THR A 118 -8.69 -3.21 15.14
N GLY A 119 -9.94 -3.63 15.18
CA GLY A 119 -11.00 -2.66 15.40
C GLY A 119 -12.38 -3.20 15.27
N ILE A 120 -13.35 -2.32 15.48
CA ILE A 120 -14.75 -2.79 15.39
C ILE A 120 -15.26 -3.04 13.96
N LYS A 121 -14.51 -2.63 12.93
CA LYS A 121 -14.87 -3.09 11.54
C LYS A 121 -14.99 -4.61 11.42
N HIS A 122 -14.27 -5.36 12.26
CA HIS A 122 -14.48 -6.82 12.34
C HIS A 122 -15.94 -7.24 12.42
N TYR A 123 -16.77 -6.42 13.02
CA TYR A 123 -18.17 -6.76 13.27
C TYR A 123 -19.12 -6.28 12.21
N PHE A 124 -18.73 -5.31 11.44
CA PHE A 124 -19.69 -4.74 10.50
C PHE A 124 -19.26 -4.68 9.06
N GLY A 125 -17.95 -4.73 8.80
CA GLY A 125 -17.50 -4.87 7.44
C GLY A 125 -16.45 -3.82 7.14
N ILE A 126 -16.26 -3.58 5.86
CA ILE A 126 -15.10 -2.86 5.33
C ILE A 126 -15.59 -1.48 4.81
N PHE A 127 -14.71 -0.46 4.71
CA PHE A 127 -15.13 0.87 4.24
C PHE A 127 -15.33 0.89 2.69
N GLU A 128 -14.60 0.05 1.95
CA GLU A 128 -14.58 0.12 0.46
C GLU A 128 -15.97 0.20 -0.18
N VAL A 134 -23.59 -6.74 5.03
CA VAL A 134 -24.58 -7.31 6.01
C VAL A 134 -24.04 -7.46 7.47
N PRO A 135 -24.08 -6.38 8.21
CA PRO A 135 -23.41 -6.44 9.53
C PRO A 135 -24.03 -7.38 10.54
N HIS A 136 -23.21 -7.84 11.50
CA HIS A 136 -23.76 -8.33 12.79
C HIS A 136 -24.59 -7.24 13.47
N ASP A 137 -25.56 -7.64 14.27
CA ASP A 137 -26.25 -6.74 15.16
C ASP A 137 -25.33 -6.55 16.42
N SER A 138 -25.64 -5.52 17.18
CA SER A 138 -24.84 -5.11 18.31
C SER A 138 -25.74 -5.22 19.52
N PRO A 139 -25.22 -5.11 20.74
CA PRO A 139 -23.83 -4.79 21.07
C PRO A 139 -22.85 -5.86 20.67
N PHE A 140 -21.70 -5.47 20.11
CA PHE A 140 -20.78 -6.41 19.59
C PHE A 140 -20.03 -7.06 20.70
N THR A 141 -19.94 -8.38 20.59
CA THR A 141 -19.17 -9.18 21.51
C THR A 141 -18.10 -9.94 20.78
N GLU A 142 -17.04 -10.25 21.49
CA GLU A 142 -15.78 -10.73 20.87
C GLU A 142 -15.88 -12.09 20.15
N ASP A 143 -16.77 -12.93 20.64
CA ASP A 143 -17.08 -14.23 20.04
C ASP A 143 -17.88 -14.21 18.72
N LEU A 144 -18.30 -13.05 18.22
CA LEU A 144 -19.10 -13.06 17.01
C LEU A 144 -18.23 -13.54 15.83
N PRO A 145 -18.78 -14.42 14.98
CA PRO A 145 -17.90 -14.98 13.91
C PRO A 145 -17.57 -13.94 12.84
N ARG A 146 -16.48 -14.17 12.14
CA ARG A 146 -16.09 -13.30 11.01
C ARG A 146 -17.18 -13.21 9.93
N LEU A 147 -17.29 -12.07 9.31
CA LEU A 147 -18.17 -11.90 8.19
C LEU A 147 -17.45 -12.38 6.93
N ASN A 148 -18.22 -12.71 5.91
CA ASN A 148 -17.63 -13.16 4.66
C ASN A 148 -17.28 -11.97 3.76
N VAL A 149 -16.18 -11.28 4.11
CA VAL A 149 -15.72 -10.10 3.38
C VAL A 149 -14.19 -10.07 3.49
N PRO A 150 -13.55 -9.42 2.53
CA PRO A 150 -12.10 -9.37 2.54
C PRO A 150 -11.57 -8.32 3.52
N ASN A 151 -11.60 -8.67 4.79
CA ASN A 151 -11.17 -7.76 5.88
C ASN A 151 -9.76 -8.10 6.28
N PHE A 152 -8.84 -7.15 6.09
CA PHE A 152 -7.44 -7.39 6.37
C PHE A 152 -7.22 -7.80 7.85
N TYR A 153 -8.18 -7.43 8.73
CA TYR A 153 -8.16 -7.90 10.12
C TYR A 153 -8.12 -9.42 10.23
N HIS A 154 -8.74 -10.12 9.30
CA HIS A 154 -8.73 -11.59 9.30
C HIS A 154 -7.32 -12.19 9.02
N ASP A 155 -6.64 -11.63 8.01
CA ASP A 155 -5.30 -12.00 7.70
C ASP A 155 -4.37 -11.70 8.88
N LEU A 156 -4.44 -10.49 9.43
CA LEU A 156 -3.62 -10.13 10.60
C LEU A 156 -3.84 -11.08 11.76
N GLU A 157 -5.08 -11.38 12.12
CA GLU A 157 -5.29 -12.41 13.14
C GLU A 157 -4.67 -13.76 12.78
N ASP A 158 -4.88 -14.23 11.55
CA ASP A 158 -4.37 -15.57 11.18
C ASP A 158 -2.87 -15.68 11.28
N ILE A 159 -2.19 -14.61 10.93
CA ILE A 159 -0.76 -14.50 11.05
C ILE A 159 -0.37 -14.47 12.53
N LEU A 160 -1.09 -13.71 13.32
CA LEU A 160 -0.84 -13.63 14.77
C LEU A 160 -0.97 -14.98 15.42
N TYR A 161 -2.08 -15.68 15.15
CA TYR A 161 -2.29 -17.00 15.77
C TYR A 161 -1.25 -18.00 15.36
N GLU A 162 -0.93 -18.02 14.07
CA GLU A 162 0.09 -18.92 13.53
C GLU A 162 1.44 -18.74 14.16
N GLU A 163 1.91 -17.50 14.10
CA GLU A 163 3.25 -17.23 14.53
C GLU A 163 3.47 -17.31 16.01
N THR A 164 2.47 -16.95 16.81
CA THR A 164 2.64 -16.98 18.27
C THR A 164 2.52 -18.41 18.80
N GLY A 165 1.69 -19.19 18.13
CA GLY A 165 1.44 -20.60 18.47
C GLY A 165 2.71 -21.43 18.30
N LYS A 166 3.33 -21.35 17.14
CA LYS A 166 4.55 -22.13 16.94
C LYS A 166 5.81 -21.61 17.63
N ASN A 167 5.80 -20.36 18.11
CA ASN A 167 6.93 -19.81 18.86
C ASN A 167 6.74 -19.67 20.36
N ASN A 168 5.71 -20.32 20.91
CA ASN A 168 5.31 -20.20 22.34
C ASN A 168 5.29 -18.76 22.92
N LEU A 169 4.54 -17.93 22.22
CA LEU A 169 4.35 -16.54 22.59
C LEU A 169 2.92 -16.41 22.93
N THR A 170 2.59 -15.47 23.79
CA THR A 170 1.18 -15.14 24.01
C THR A 170 0.74 -14.10 23.06
N TRP A 171 -0.60 -13.95 22.91
CA TRP A 171 -1.15 -13.02 21.96
C TRP A 171 -2.37 -12.33 22.51
N SER A 172 -2.67 -11.17 21.97
CA SER A 172 -3.98 -10.51 22.20
C SER A 172 -4.39 -9.79 20.97
N VAL A 173 -5.70 -9.72 20.77
CA VAL A 173 -6.28 -8.97 19.71
C VAL A 173 -7.16 -7.93 20.34
N HIS A 174 -6.84 -6.67 20.08
CA HIS A 174 -7.61 -5.59 20.64
C HIS A 174 -8.44 -4.98 19.56
N ARG A 175 -9.71 -4.72 19.87
CA ARG A 175 -10.63 -4.17 18.89
C ARG A 175 -11.21 -2.89 19.45
N PRO A 176 -10.43 -1.81 19.36
CA PRO A 176 -10.99 -0.52 19.79
C PRO A 176 -12.13 0.00 18.92
N ALA A 177 -12.97 0.75 19.59
CA ALA A 177 -14.01 1.58 18.97
C ALA A 177 -13.29 2.82 18.38
N LEU A 178 -14.04 3.76 17.80
CA LEU A 178 -13.58 5.01 17.34
C LEU A 178 -12.66 5.65 18.34
N VAL A 179 -11.46 6.02 17.90
CA VAL A 179 -10.45 6.52 18.86
C VAL A 179 -10.46 8.01 19.04
N PHE A 180 -10.49 8.46 20.32
CA PHE A 180 -10.30 9.89 20.66
C PHE A 180 -8.85 10.00 21.07
N GLY A 181 -8.06 10.74 20.26
CA GLY A 181 -6.64 10.89 20.47
C GLY A 181 -6.12 12.20 19.88
N PHE A 182 -4.80 12.35 19.94
CA PHE A 182 -4.17 13.63 19.71
C PHE A 182 -3.13 13.67 18.60
N SER A 183 -2.78 12.55 18.03
CA SER A 183 -1.71 12.54 17.02
C SER A 183 -2.11 13.26 15.71
N PRO A 184 -1.28 14.22 15.27
CA PRO A 184 -1.56 14.87 14.01
C PRO A 184 -1.04 14.11 12.77
N CYS A 185 -0.48 12.92 12.96
CA CYS A 185 0.03 12.12 11.84
C CYS A 185 -0.80 10.88 11.64
N SER A 186 -1.99 10.82 12.22
CA SER A 186 -2.82 9.64 12.08
C SER A 186 -3.53 9.74 10.74
N MET A 187 -3.87 8.59 10.17
CA MET A 187 -4.74 8.57 9.00
C MET A 187 -6.22 8.52 9.38
N MET A 188 -6.55 8.39 10.68
CA MET A 188 -7.97 8.40 11.10
C MET A 188 -8.08 8.97 12.51
N ASN A 189 -8.04 10.29 12.63
CA ASN A 189 -8.17 10.98 13.95
C ASN A 189 -9.39 11.86 13.91
N ILE A 190 -10.50 11.35 14.46
CA ILE A 190 -11.77 12.07 14.41
C ILE A 190 -11.73 13.41 15.18
N VAL A 191 -11.08 13.44 16.36
CA VAL A 191 -11.03 14.66 17.13
C VAL A 191 -10.21 15.78 16.40
N SER A 192 -9.02 15.45 15.89
CA SER A 192 -8.25 16.39 15.14
C SER A 192 -9.01 16.83 13.90
N THR A 193 -9.67 15.90 13.22
CA THR A 193 -10.44 16.20 12.00
C THR A 193 -11.51 17.27 12.32
N LEU A 194 -12.28 17.05 13.40
CA LEU A 194 -13.31 18.01 13.77
C LEU A 194 -12.74 19.32 14.32
N CYS A 195 -11.63 19.27 15.05
CA CYS A 195 -10.95 20.48 15.48
C CYS A 195 -10.45 21.33 14.28
N VAL A 196 -9.93 20.66 13.27
CA VAL A 196 -9.48 21.36 12.05
C VAL A 196 -10.68 22.01 11.35
N TYR A 197 -11.79 21.30 11.23
CA TYR A 197 -12.99 21.85 10.66
C TYR A 197 -13.55 23.05 11.46
N ALA A 198 -13.55 22.93 12.78
CA ALA A 198 -14.00 24.03 13.66
C ALA A 198 -13.10 25.27 13.51
N THR A 199 -11.79 25.01 13.47
CA THR A 199 -10.77 26.02 13.35
C THR A 199 -10.94 26.75 12.02
N ILE A 200 -11.18 25.99 10.95
CA ILE A 200 -11.39 26.63 9.66
C ILE A 200 -12.68 27.45 9.63
N CYS A 201 -13.77 26.89 10.15
CA CYS A 201 -15.03 27.67 10.32
C CYS A 201 -14.87 29.01 11.05
N LYS A 202 -14.17 29.01 12.19
CA LYS A 202 -13.92 30.17 13.00
C LYS A 202 -13.09 31.21 12.24
N HIS A 203 -12.03 30.74 11.60
CA HIS A 203 -11.22 31.56 10.71
C HIS A 203 -12.04 32.24 9.60
N GLU A 204 -13.01 31.55 9.02
CA GLU A 204 -13.79 32.10 7.94
C GLU A 204 -15.08 32.75 8.46
N ASN A 205 -15.16 33.04 9.75
CA ASN A 205 -16.39 33.54 10.34
C ASN A 205 -17.64 32.81 9.90
N LYS A 206 -17.59 31.47 9.96
CA LYS A 206 -18.73 30.64 9.66
C LYS A 206 -19.11 29.81 10.89
N ALA A 207 -20.39 29.44 10.96
CA ALA A 207 -20.90 28.64 12.08
C ALA A 207 -20.39 27.22 11.93
N LEU A 208 -20.38 26.52 13.07
CA LEU A 208 -20.01 25.11 13.07
C LEU A 208 -21.22 24.38 12.65
N VAL A 209 -21.32 24.12 11.35
CA VAL A 209 -22.48 23.44 10.78
C VAL A 209 -22.26 21.93 10.71
N TYR A 210 -23.14 21.20 11.40
CA TYR A 210 -23.16 19.76 11.23
C TYR A 210 -23.50 19.30 9.81
N PRO A 211 -22.60 18.53 9.19
CA PRO A 211 -22.82 17.97 7.82
C PRO A 211 -23.43 16.56 7.70
N GLY A 212 -23.65 15.88 8.81
CA GLY A 212 -23.92 14.41 8.75
C GLY A 212 -25.37 13.99 8.65
N SER A 213 -25.61 12.69 8.80
CA SER A 213 -26.97 12.18 8.73
C SER A 213 -27.80 12.47 10.00
N LYS A 214 -29.09 12.48 9.82
CA LYS A 214 -30.01 12.48 10.96
C LYS A 214 -29.70 11.33 11.97
N ASN A 215 -29.54 10.13 11.45
CA ASN A 215 -29.42 8.97 12.28
C ASN A 215 -28.20 9.05 13.16
N SER A 216 -27.10 9.56 12.61
CA SER A 216 -25.87 9.63 13.39
C SER A 216 -25.88 10.79 14.38
N TRP A 217 -26.70 11.82 14.13
CA TRP A 217 -26.84 12.91 15.08
C TRP A 217 -27.52 12.38 16.38
N ASN A 218 -28.50 11.54 16.18
CA ASN A 218 -29.39 11.08 17.26
C ASN A 218 -29.10 9.70 17.89
N CYS A 219 -28.26 8.87 17.28
CA CYS A 219 -28.17 7.50 17.72
C CYS A 219 -27.14 7.46 18.86
N TYR A 220 -27.13 6.36 19.58
CA TYR A 220 -26.07 6.18 20.58
C TYR A 220 -24.81 5.79 19.82
N ALA A 221 -23.66 6.32 20.28
CA ALA A 221 -22.34 5.99 19.73
C ALA A 221 -21.37 5.72 20.86
N ASP A 222 -20.25 5.11 20.52
CA ASP A 222 -19.15 4.98 21.53
C ASP A 222 -17.74 5.19 20.94
N ALA A 223 -16.77 5.35 21.82
CA ALA A 223 -15.45 5.69 21.40
C ALA A 223 -14.50 5.21 22.47
N VAL A 224 -13.23 5.34 22.20
CA VAL A 224 -12.21 5.01 23.21
C VAL A 224 -11.14 6.09 23.25
N ASP A 225 -10.76 6.50 24.47
CA ASP A 225 -9.61 7.37 24.61
C ASP A 225 -8.32 6.60 24.25
N ALA A 226 -7.38 7.25 23.55
CA ALA A 226 -6.15 6.59 23.12
C ALA A 226 -5.33 6.10 24.32
N ASP A 227 -5.33 6.86 25.39
CA ASP A 227 -4.61 6.48 26.59
C ASP A 227 -5.29 5.24 27.16
N LEU A 228 -6.59 5.15 27.09
CA LEU A 228 -7.28 3.89 27.60
C LEU A 228 -6.98 2.67 26.76
N VAL A 229 -6.87 2.84 25.42
CA VAL A 229 -6.43 1.71 24.56
C VAL A 229 -5.02 1.25 24.98
N ALA A 230 -4.12 2.21 25.17
CA ALA A 230 -2.78 1.94 25.60
C ALA A 230 -2.78 1.15 26.94
N GLU A 231 -3.59 1.63 27.89
CA GLU A 231 -3.70 0.93 29.20
C GLU A 231 -4.20 -0.47 29.06
N HIS A 232 -5.17 -0.61 28.23
CA HIS A 232 -5.76 -1.93 27.92
C HIS A 232 -4.81 -2.88 27.25
N GLU A 233 -4.02 -2.38 26.28
CA GLU A 233 -3.05 -3.19 25.59
C GLU A 233 -1.94 -3.62 26.54
N ILE A 234 -1.56 -2.69 27.40
CA ILE A 234 -0.46 -2.97 28.37
C ILE A 234 -0.94 -4.06 29.34
N TRP A 235 -2.16 -3.90 29.82
CA TRP A 235 -2.80 -4.84 30.72
C TRP A 235 -2.84 -6.28 30.17
N ALA A 236 -3.25 -6.41 28.92
CA ALA A 236 -3.28 -7.65 28.27
C ALA A 236 -1.87 -8.17 28.01
N ALA A 237 -0.91 -7.28 27.86
CA ALA A 237 0.40 -7.70 27.59
C ALA A 237 1.11 -8.23 28.85
N VAL A 238 0.66 -7.83 30.04
CA VAL A 238 1.41 -8.18 31.24
C VAL A 238 0.59 -9.07 32.15
N ASP A 239 -0.71 -8.93 32.17
CA ASP A 239 -1.54 -9.68 33.13
C ASP A 239 -1.84 -11.09 32.61
N PRO A 240 -1.29 -12.12 33.26
CA PRO A 240 -1.45 -13.49 32.75
C PRO A 240 -2.90 -13.89 32.60
N LYS A 241 -3.80 -13.33 33.40
CA LYS A 241 -5.23 -13.67 33.25
C LYS A 241 -5.84 -13.21 31.93
N ALA A 242 -5.26 -12.21 31.31
CA ALA A 242 -5.76 -11.70 30.04
C ALA A 242 -5.18 -12.36 28.82
N LYS A 243 -4.26 -13.31 28.98
CA LYS A 243 -3.49 -13.81 27.84
C LYS A 243 -4.35 -14.53 26.79
N ASN A 244 -3.97 -14.39 25.53
CA ASN A 244 -4.56 -15.14 24.42
C ASN A 244 -6.05 -14.91 24.34
N GLN A 245 -6.42 -13.68 24.26
CA GLN A 245 -7.86 -13.29 24.18
C GLN A 245 -8.04 -12.19 23.18
N VAL A 246 -9.17 -12.28 22.46
CA VAL A 246 -9.67 -11.20 21.68
C VAL A 246 -10.46 -10.32 22.63
N LEU A 247 -10.19 -9.02 22.57
CA LEU A 247 -10.76 -8.05 23.52
C LEU A 247 -11.19 -6.74 22.89
N ASN A 248 -12.47 -6.37 23.02
CA ASN A 248 -12.91 -5.03 22.69
C ASN A 248 -12.35 -4.00 23.67
N CYS A 249 -12.21 -2.78 23.21
CA CYS A 249 -11.78 -1.67 24.04
C CYS A 249 -12.64 -0.42 23.74
N ASN A 250 -13.51 0.00 24.67
CA ASN A 250 -14.16 1.32 24.56
C ASN A 250 -14.21 2.00 25.94
N ASN A 251 -14.66 3.25 25.98
CA ASN A 251 -14.66 4.09 27.18
C ASN A 251 -15.62 3.63 28.28
N GLY A 252 -16.50 2.72 27.93
CA GLY A 252 -17.40 2.08 28.94
C GLY A 252 -18.80 2.68 28.94
N ASP A 253 -19.02 3.72 28.17
CA ASP A 253 -20.24 4.47 28.16
C ASP A 253 -20.68 4.68 26.71
N VAL A 254 -21.71 5.52 26.51
CA VAL A 254 -22.17 5.88 25.17
C VAL A 254 -22.40 7.40 25.18
N PHE A 255 -22.40 7.98 23.98
CA PHE A 255 -22.68 9.40 23.82
C PHE A 255 -23.52 9.54 22.54
N LYS A 256 -23.91 10.77 22.24
CA LYS A 256 -24.50 11.11 20.96
C LYS A 256 -23.72 12.26 20.31
N TRP A 257 -23.60 12.23 18.99
CA TRP A 257 -22.86 13.28 18.27
C TRP A 257 -23.49 14.64 18.46
N LYS A 258 -24.81 14.69 18.57
CA LYS A 258 -25.51 15.92 18.92
C LYS A 258 -24.95 16.64 20.17
N HIS A 259 -24.64 15.88 21.20
CA HIS A 259 -24.09 16.46 22.44
C HIS A 259 -22.65 16.89 22.22
N ILE A 260 -21.92 16.08 21.46
CA ILE A 260 -20.48 16.35 21.18
C ILE A 260 -20.37 17.68 20.38
N TRP A 261 -21.24 17.79 19.37
CA TRP A 261 -21.26 18.94 18.49
C TRP A 261 -21.37 20.26 19.28
N LYS A 262 -22.24 20.27 20.27
CA LYS A 262 -22.46 21.44 21.06
C LYS A 262 -21.24 21.77 21.85
N LYS A 263 -20.65 20.76 22.48
CA LYS A 263 -19.42 20.95 23.18
C LYS A 263 -18.33 21.51 22.25
N LEU A 264 -18.23 20.95 21.05
CA LEU A 264 -17.22 21.39 20.06
C LEU A 264 -17.37 22.89 19.72
N ALA A 265 -18.59 23.31 19.40
CA ALA A 265 -18.84 24.73 19.14
C ALA A 265 -18.45 25.57 20.35
N GLU A 266 -18.87 25.17 21.54
CA GLU A 266 -18.42 25.87 22.76
C GLU A 266 -16.91 25.96 22.87
N GLU A 267 -16.19 24.88 22.60
CA GLU A 267 -14.76 24.87 22.80
C GLU A 267 -14.03 25.85 21.81
N PHE A 268 -14.62 26.07 20.64
CA PHE A 268 -14.08 26.97 19.63
C PHE A 268 -14.77 28.36 19.64
N GLY A 269 -15.61 28.59 20.63
CA GLY A 269 -16.30 29.86 20.82
C GLY A 269 -17.05 30.31 19.58
N ILE A 270 -17.68 29.38 18.87
CA ILE A 270 -18.45 29.74 17.67
C ILE A 270 -19.83 29.17 17.75
N GLU A 271 -20.67 29.63 16.83
CA GLU A 271 -22.06 29.33 16.88
C GLU A 271 -22.18 27.94 16.31
N MET A 272 -23.16 27.18 16.79
CA MET A 272 -23.41 25.85 16.23
C MET A 272 -24.65 25.83 15.36
N VAL A 273 -24.60 25.16 14.22
CA VAL A 273 -25.79 24.74 13.54
C VAL A 273 -25.90 23.18 13.61
N GLY A 274 -26.92 22.71 14.32
CA GLY A 274 -27.22 21.27 14.45
C GLY A 274 -27.81 20.66 13.21
N TYR A 275 -28.22 19.38 13.31
CA TYR A 275 -28.89 18.68 12.26
C TYR A 275 -30.23 19.40 12.01
N VAL A 276 -30.60 19.52 10.74
CA VAL A 276 -31.79 20.27 10.36
C VAL A 276 -32.66 19.29 9.75
N GLU A 277 -33.86 19.18 10.32
CA GLU A 277 -34.80 18.16 9.90
C GLU A 277 -35.01 18.23 8.38
N GLY A 278 -34.95 17.09 7.70
CA GLY A 278 -35.14 17.03 6.27
C GLY A 278 -33.89 17.24 5.44
N LYS A 279 -32.82 17.80 6.04
CA LYS A 279 -31.60 18.15 5.29
C LYS A 279 -30.76 16.87 5.22
N GLU A 280 -30.27 16.51 4.04
CA GLU A 280 -29.52 15.25 3.87
C GLU A 280 -28.02 15.44 4.12
N GLN A 281 -27.34 14.37 4.49
CA GLN A 281 -25.90 14.43 4.73
C GLN A 281 -25.22 15.08 3.56
N VAL A 282 -24.30 15.98 3.82
CA VAL A 282 -23.33 16.39 2.78
C VAL A 282 -21.90 15.94 3.15
N SER A 283 -20.99 15.90 2.18
CA SER A 283 -19.64 15.41 2.42
C SER A 283 -18.73 16.52 2.97
N LEU A 284 -18.23 16.30 4.19
CA LEU A 284 -17.23 17.14 4.76
C LEU A 284 -15.92 17.14 3.93
N ALA A 285 -15.54 16.00 3.36
CA ALA A 285 -14.36 15.93 2.49
C ALA A 285 -14.49 16.92 1.30
N GLU A 286 -15.67 16.96 0.71
CA GLU A 286 -15.93 17.92 -0.36
C GLU A 286 -15.95 19.35 0.13
N LEU A 287 -16.62 19.62 1.24
CA LEU A 287 -16.59 20.99 1.75
C LEU A 287 -15.15 21.47 2.03
N MET A 288 -14.22 20.56 2.29
CA MET A 288 -12.90 20.97 2.67
C MET A 288 -11.88 20.83 1.56
N LYS A 289 -12.32 20.41 0.37
CA LYS A 289 -11.40 20.07 -0.68
C LYS A 289 -10.31 21.17 -0.98
N ASP A 290 -10.60 22.45 -0.75
CA ASP A 290 -9.67 23.51 -1.21
C ASP A 290 -9.06 24.32 -0.10
N LYS A 291 -8.99 23.71 1.07
CA LYS A 291 -8.66 24.45 2.24
C LYS A 291 -7.20 24.31 2.61
N ASP A 292 -6.40 23.63 1.81
CA ASP A 292 -4.97 23.44 2.14
C ASP A 292 -4.23 24.71 2.48
N GLN A 293 -4.41 25.74 1.67
CA GLN A 293 -3.70 27.01 1.91
C GLN A 293 -4.24 27.72 3.12
N VAL A 294 -5.55 27.66 3.33
CA VAL A 294 -6.17 28.27 4.52
C VAL A 294 -5.52 27.61 5.74
N TRP A 295 -5.38 26.28 5.67
CA TRP A 295 -4.77 25.52 6.81
C TRP A 295 -3.36 26.04 7.02
N ASP A 296 -2.60 26.11 5.92
CA ASP A 296 -1.19 26.59 5.98
C ASP A 296 -1.04 27.96 6.65
N GLU A 297 -1.95 28.85 6.36
CA GLU A 297 -1.99 30.19 6.94
C GLU A 297 -2.33 30.20 8.43
N ILE A 298 -3.26 29.30 8.83
CA ILE A 298 -3.63 29.16 10.19
C ILE A 298 -2.40 28.68 10.97
N VAL A 299 -1.71 27.70 10.40
CA VAL A 299 -0.50 27.13 10.97
C VAL A 299 0.54 28.20 11.26
N LYS A 300 0.83 28.98 10.24
CA LYS A 300 1.88 30.00 10.31
C LYS A 300 1.55 31.04 11.31
N LYS A 301 0.37 31.69 11.20
CA LYS A 301 -0.06 32.71 12.23
C LYS A 301 -0.03 32.26 13.67
N ASN A 302 -0.40 31.00 13.91
CA ASN A 302 -0.52 30.54 15.28
C ASN A 302 0.76 29.81 15.66
N ASN A 303 1.72 29.85 14.74
CA ASN A 303 3.04 29.21 14.96
C ASN A 303 2.81 27.79 15.52
N LEU A 304 1.91 27.07 14.84
CA LEU A 304 1.58 25.70 15.15
C LEU A 304 2.68 24.82 14.67
N VAL A 305 2.71 23.62 15.21
CA VAL A 305 3.46 22.57 14.65
C VAL A 305 3.04 22.43 13.16
N PRO A 306 4.01 22.43 12.23
CA PRO A 306 3.57 22.49 10.83
C PRO A 306 2.93 21.16 10.41
N THR A 307 1.72 21.23 9.91
CA THR A 307 1.04 20.06 9.45
C THR A 307 0.38 20.42 8.15
N LYS A 308 0.19 19.44 7.31
CA LYS A 308 -0.55 19.59 6.07
C LYS A 308 -1.90 19.08 6.31
N LEU A 309 -2.85 19.74 5.67
CA LEU A 309 -4.26 19.48 5.86
C LEU A 309 -4.61 18.01 5.77
N LYS A 310 -4.14 17.35 4.71
CA LYS A 310 -4.54 15.95 4.46
C LYS A 310 -3.94 14.99 5.46
N GLU A 311 -2.92 15.42 6.15
CA GLU A 311 -2.30 14.57 7.19
C GLU A 311 -2.99 14.68 8.53
N ILE A 312 -3.20 15.91 8.94
CA ILE A 312 -3.84 16.15 10.25
C ILE A 312 -5.34 15.78 10.32
N ALA A 313 -6.04 15.93 9.20
CA ALA A 313 -7.44 15.67 9.16
C ALA A 313 -7.76 14.52 8.22
N ALA A 314 -8.81 13.79 8.56
CA ALA A 314 -9.32 12.73 7.66
C ALA A 314 -10.79 12.96 7.44
N PHE A 315 -11.10 13.89 6.57
CA PHE A 315 -12.52 14.29 6.43
C PHE A 315 -13.41 13.16 6.01
N TRP A 316 -12.87 12.27 5.19
CA TRP A 316 -13.59 11.09 4.70
C TRP A 316 -14.03 10.16 5.87
N PHE A 317 -13.21 10.12 6.94
CA PHE A 317 -13.46 9.25 8.06
C PHE A 317 -14.56 9.83 8.92
N ALA A 318 -14.57 11.16 9.02
CA ALA A 318 -15.70 11.85 9.62
C ALA A 318 -17.05 11.61 8.86
N ASP A 319 -16.98 11.55 7.52
CA ASP A 319 -18.19 11.30 6.73
C ASP A 319 -18.76 9.92 7.02
N ILE A 320 -17.86 8.92 7.15
CA ILE A 320 -18.32 7.61 7.56
C ILE A 320 -18.98 7.62 8.96
N ALA A 321 -18.35 8.26 9.93
CA ALA A 321 -18.87 8.23 11.30
C ALA A 321 -20.26 8.84 11.29
N PHE A 322 -20.41 9.85 10.46
CA PHE A 322 -21.66 10.59 10.40
C PHE A 322 -22.67 9.98 9.49
N CYS A 323 -22.43 8.77 8.99
CA CYS A 323 -23.52 7.93 8.46
C CYS A 323 -23.57 6.54 9.09
N SER A 324 -23.00 6.37 10.28
CA SER A 324 -23.02 5.11 10.95
C SER A 324 -23.99 5.12 12.16
N GLU A 325 -24.51 3.94 12.46
CA GLU A 325 -25.26 3.75 13.65
C GLU A 325 -25.22 2.28 14.02
N ASN A 326 -25.65 1.94 15.23
CA ASN A 326 -25.77 0.59 15.66
C ASN A 326 -24.42 -0.13 15.83
N LEU A 327 -23.39 0.59 16.22
CA LEU A 327 -22.05 0.03 16.25
C LEU A 327 -21.51 -0.08 17.66
N ILE A 328 -22.42 -0.07 18.65
CA ILE A 328 -21.95 -0.15 20.01
C ILE A 328 -21.28 -1.52 20.25
N SER A 329 -20.18 -1.50 20.97
CA SER A 329 -19.41 -2.68 21.35
C SER A 329 -19.41 -2.86 22.89
N SER A 330 -19.35 -4.11 23.34
CA SER A 330 -19.46 -4.46 24.72
C SER A 330 -18.09 -4.56 25.36
N MET A 331 -17.98 -4.00 26.54
CA MET A 331 -16.81 -4.22 27.39
C MET A 331 -16.99 -5.26 28.49
N ASN A 332 -18.04 -6.08 28.46
CA ASN A 332 -18.25 -7.08 29.50
C ASN A 332 -17.14 -8.09 29.62
N LYS A 333 -16.58 -8.51 28.51
CA LYS A 333 -15.46 -9.49 28.58
C LYS A 333 -14.26 -8.98 29.34
N SER A 334 -13.83 -7.73 29.04
CA SER A 334 -12.72 -7.16 29.69
C SER A 334 -13.02 -6.90 31.16
N LYS A 335 -14.23 -6.43 31.46
CA LYS A 335 -14.60 -6.20 32.85
C LYS A 335 -14.69 -7.48 33.64
N GLU A 336 -15.20 -8.56 33.02
CA GLU A 336 -15.28 -9.82 33.71
C GLU A 336 -13.87 -10.43 33.90
N LEU A 337 -12.93 -10.04 33.06
CA LEU A 337 -11.51 -10.44 33.27
C LEU A 337 -10.80 -9.52 34.27
N GLY A 338 -11.52 -8.53 34.80
CA GLY A 338 -10.95 -7.62 35.79
C GLY A 338 -10.41 -6.28 35.33
N PHE A 339 -10.54 -5.94 34.06
CA PHE A 339 -10.08 -4.63 33.60
C PHE A 339 -11.27 -3.64 33.75
N LEU A 340 -11.13 -2.69 34.66
CA LEU A 340 -12.19 -1.73 34.97
C LEU A 340 -11.82 -0.29 34.58
N GLY A 341 -10.81 -0.13 33.70
CA GLY A 341 -10.46 1.12 33.09
C GLY A 341 -11.70 1.66 32.28
N PHE A 342 -11.94 2.94 32.34
CA PHE A 342 -13.08 3.58 31.64
C PHE A 342 -12.72 5.04 31.48
N ARG A 343 -13.48 5.77 30.67
CA ARG A 343 -13.41 7.20 30.61
C ARG A 343 -14.84 7.72 30.38
N ASN A 344 -15.11 8.90 30.92
CA ASN A 344 -16.27 9.73 30.52
C ASN A 344 -15.97 10.29 29.11
N SER A 345 -16.74 9.81 28.14
CA SER A 345 -16.48 10.15 26.77
C SER A 345 -16.56 11.65 26.48
N MET A 346 -17.52 12.37 27.05
CA MET A 346 -17.62 13.85 26.84
C MET A 346 -16.38 14.52 27.38
N LYS A 347 -15.96 14.09 28.57
CA LYS A 347 -14.64 14.55 29.12
C LYS A 347 -13.40 14.10 28.32
N SER A 348 -13.42 12.90 27.78
CA SER A 348 -12.24 12.43 26.97
C SER A 348 -12.16 13.27 25.67
N PHE A 349 -13.30 13.61 25.09
CA PHE A 349 -13.31 14.36 23.87
C PHE A 349 -12.67 15.71 24.18
N VAL A 350 -13.08 16.33 25.27
CA VAL A 350 -12.51 17.63 25.61
C VAL A 350 -11.03 17.54 25.94
N SER A 351 -10.65 16.49 26.65
CA SER A 351 -9.25 16.23 26.97
C SER A 351 -8.41 16.18 25.71
N CYS A 352 -8.91 15.56 24.62
CA CYS A 352 -8.19 15.55 23.38
C CYS A 352 -8.06 16.91 22.77
N ILE A 353 -9.12 17.70 22.74
CA ILE A 353 -9.01 19.08 22.31
C ILE A 353 -7.95 19.84 23.12
N ASP A 354 -8.02 19.75 24.45
CA ASP A 354 -7.05 20.44 25.32
C ASP A 354 -5.61 20.01 24.96
N LYS A 355 -5.43 18.71 24.71
CA LYS A 355 -4.10 18.21 24.47
C LYS A 355 -3.52 18.67 23.14
N MET A 356 -4.36 18.73 22.14
CA MET A 356 -3.89 19.12 20.87
C MET A 356 -3.52 20.62 20.89
N ARG A 357 -4.20 21.40 21.70
CA ARG A 357 -3.83 22.80 21.88
C ARG A 357 -2.55 22.85 22.69
N ASP A 358 -2.48 22.07 23.76
CA ASP A 358 -1.25 21.93 24.63
C ASP A 358 -0.04 21.69 23.74
N TYR A 359 -0.16 20.78 22.79
CA TYR A 359 0.99 20.39 21.99
C TYR A 359 1.22 21.29 20.76
N ARG A 360 0.35 22.30 20.61
CA ARG A 360 0.38 23.27 19.51
C ARG A 360 0.08 22.73 18.10
N PHE A 361 -0.78 21.73 18.03
CA PHE A 361 -1.23 21.17 16.75
C PHE A 361 -2.41 21.97 16.20
N ILE A 362 -3.16 22.56 17.11
CA ILE A 362 -4.32 23.32 16.74
C ILE A 362 -4.30 24.57 17.59
N PRO A 363 -4.99 25.63 17.17
CA PRO A 363 -4.86 26.93 17.93
C PRO A 363 -5.46 26.98 19.32
N ALA A 364 -4.83 27.74 20.21
CA ALA A 364 -5.35 27.91 21.57
C ALA A 364 -6.69 28.65 21.59
N SER A 365 -7.42 28.51 22.71
CA SER A 365 -8.66 29.30 23.04
C SER A 365 -9.96 28.84 22.37
N LYS B 1 -18.17 9.26 -2.65
CA LYS B 1 -16.83 9.46 -2.00
C LYS B 1 -16.07 10.57 -2.75
N SER B 2 -15.00 11.01 -2.13
CA SER B 2 -14.20 12.07 -2.72
C SER B 2 -12.73 11.66 -2.97
N TYR B 3 -12.25 12.02 -4.14
CA TYR B 3 -10.91 11.68 -4.58
C TYR B 3 -10.32 12.86 -5.32
N LYS B 4 -9.03 13.00 -5.22
CA LYS B 4 -8.35 14.03 -5.95
C LYS B 4 -8.16 13.53 -7.38
N SER B 5 -7.83 12.25 -7.54
CA SER B 5 -7.52 11.77 -8.86
C SER B 5 -8.18 10.43 -9.06
N VAL B 6 -8.50 10.12 -10.33
CA VAL B 6 -9.12 8.87 -10.70
C VAL B 6 -8.35 8.21 -11.84
N ALA B 7 -7.62 7.12 -11.49
CA ALA B 7 -6.87 6.37 -12.48
C ALA B 7 -7.71 5.29 -13.17
N LEU B 8 -7.55 5.22 -14.48
CA LEU B 8 -7.83 4.00 -15.25
C LEU B 8 -6.53 3.23 -15.55
N VAL B 9 -6.34 2.08 -14.90
CA VAL B 9 -5.17 1.24 -15.09
C VAL B 9 -5.55 0.17 -16.03
N VAL B 10 -5.11 0.31 -17.27
CA VAL B 10 -5.40 -0.70 -18.31
C VAL B 10 -4.28 -1.74 -18.31
N GLY B 11 -4.61 -2.93 -17.83
CA GLY B 11 -3.67 -4.00 -17.65
C GLY B 11 -3.37 -4.14 -16.19
N VAL B 12 -4.41 -4.15 -15.35
CA VAL B 12 -4.21 -4.16 -13.87
C VAL B 12 -3.64 -5.48 -13.30
N THR B 13 -3.78 -6.58 -14.05
CA THR B 13 -3.18 -7.84 -13.67
C THR B 13 -1.74 -7.95 -14.15
N GLY B 14 -1.29 -6.97 -14.90
CA GLY B 14 0.04 -7.01 -15.46
C GLY B 14 1.15 -6.66 -14.48
N ILE B 15 2.36 -6.80 -14.98
CA ILE B 15 3.54 -6.71 -14.13
C ILE B 15 3.65 -5.29 -13.60
N VAL B 16 3.25 -4.31 -14.39
CA VAL B 16 3.25 -2.91 -13.90
C VAL B 16 1.88 -2.53 -13.35
N GLY B 17 0.82 -2.89 -14.07
CA GLY B 17 -0.56 -2.64 -13.56
C GLY B 17 -0.78 -3.03 -12.08
N SER B 18 -0.33 -4.24 -11.73
CA SER B 18 -0.52 -4.77 -10.40
C SER B 18 0.23 -3.92 -9.35
N SER B 19 1.39 -3.34 -9.72
CA SER B 19 2.12 -2.47 -8.82
C SER B 19 1.44 -1.13 -8.70
N LEU B 20 0.92 -0.59 -9.83
CA LEU B 20 0.14 0.66 -9.80
C LEU B 20 -1.00 0.55 -8.82
N ALA B 21 -1.67 -0.61 -8.79
CA ALA B 21 -2.80 -0.79 -7.93
C ALA B 21 -2.39 -0.68 -6.45
N GLU B 22 -1.13 -0.98 -6.14
CA GLU B 22 -0.64 -0.84 -4.78
C GLU B 22 -0.14 0.57 -4.54
N VAL B 23 0.68 1.04 -5.47
CA VAL B 23 1.36 2.33 -5.33
C VAL B 23 0.37 3.49 -5.34
N LEU B 24 -0.63 3.44 -6.24
CA LEU B 24 -1.63 4.50 -6.25
C LEU B 24 -2.40 4.66 -4.88
N LYS B 25 -2.45 3.64 -4.05
CA LYS B 25 -3.18 3.74 -2.76
C LYS B 25 -2.30 4.10 -1.57
N LEU B 26 -1.03 4.36 -1.78
CA LEU B 26 -0.20 4.78 -0.66
C LEU B 26 -0.62 6.19 -0.31
N PRO B 27 -0.55 6.53 0.99
CA PRO B 27 -0.99 7.84 1.44
C PRO B 27 -0.21 8.98 0.85
N ASP B 28 1.10 8.88 0.66
CA ASP B 28 1.83 10.05 0.17
C ASP B 28 2.03 10.11 -1.36
N THR B 29 1.44 9.19 -2.08
CA THR B 29 1.65 9.17 -3.54
C THR B 29 1.11 10.46 -4.14
N PRO B 30 1.91 11.14 -4.98
CA PRO B 30 1.50 12.33 -5.71
C PRO B 30 0.13 12.16 -6.36
N GLY B 31 -0.68 13.21 -6.33
CA GLY B 31 -2.00 13.21 -6.94
C GLY B 31 -3.13 12.57 -6.11
N GLY B 32 -2.74 11.98 -4.97
CA GLY B 32 -3.65 11.29 -4.08
C GLY B 32 -4.53 12.23 -3.26
N PRO B 33 -5.61 11.72 -2.69
CA PRO B 33 -6.03 10.35 -2.78
C PRO B 33 -6.63 9.92 -4.16
N TRP B 34 -6.37 8.68 -4.50
CA TRP B 34 -6.65 8.12 -5.84
C TRP B 34 -7.70 7.07 -5.78
N LYS B 35 -8.66 7.18 -6.68
CA LYS B 35 -9.51 6.06 -6.98
C LYS B 35 -8.94 5.26 -8.11
N VAL B 36 -9.07 3.93 -8.06
CA VAL B 36 -8.49 3.07 -9.03
C VAL B 36 -9.51 2.15 -9.72
N TYR B 37 -9.72 2.36 -11.02
CA TYR B 37 -10.33 1.40 -11.88
C TYR B 37 -9.23 0.55 -12.50
N GLY B 38 -9.39 -0.75 -12.44
CA GLY B 38 -8.42 -1.67 -12.98
C GLY B 38 -9.06 -2.55 -14.04
N VAL B 39 -8.54 -2.45 -15.26
CA VAL B 39 -9.01 -3.26 -16.37
C VAL B 39 -8.05 -4.36 -16.74
N ALA B 40 -8.59 -5.58 -16.93
CA ALA B 40 -7.85 -6.69 -17.51
C ALA B 40 -8.78 -7.67 -18.22
N ARG B 41 -8.18 -8.60 -18.94
CA ARG B 41 -8.94 -9.45 -19.88
C ARG B 41 -9.75 -10.54 -19.14
N ARG B 42 -9.22 -11.02 -18.03
CA ARG B 42 -9.78 -12.16 -17.31
C ARG B 42 -10.66 -11.73 -16.15
N PRO B 43 -11.49 -12.65 -15.62
CA PRO B 43 -12.17 -12.35 -14.42
C PRO B 43 -11.16 -12.07 -13.31
N CYS B 44 -11.57 -11.28 -12.34
CA CYS B 44 -10.67 -10.84 -11.30
C CYS B 44 -10.01 -12.04 -10.61
N PRO B 45 -8.70 -12.18 -10.72
CA PRO B 45 -8.14 -13.30 -9.98
C PRO B 45 -8.20 -13.15 -8.45
N VAL B 46 -8.10 -14.29 -7.79
CA VAL B 46 -8.23 -14.35 -6.34
C VAL B 46 -7.22 -13.42 -5.65
N TRP B 47 -6.01 -13.35 -6.20
CA TRP B 47 -4.95 -12.53 -5.59
C TRP B 47 -5.10 -11.02 -5.75
N LEU B 48 -6.12 -10.59 -6.51
CA LEU B 48 -6.54 -9.19 -6.64
C LEU B 48 -7.88 -8.86 -6.04
N ALA B 49 -8.65 -9.89 -5.70
CA ALA B 49 -10.00 -9.68 -5.19
C ALA B 49 -9.98 -8.93 -3.87
N LYS B 50 -8.87 -8.98 -3.12
CA LYS B 50 -8.81 -8.34 -1.81
C LYS B 50 -8.11 -6.97 -1.80
N LYS B 51 -7.96 -6.39 -2.99
CA LYS B 51 -7.40 -5.06 -3.17
C LYS B 51 -8.50 -4.04 -3.42
N PRO B 52 -8.31 -2.82 -2.92
CA PRO B 52 -9.30 -1.73 -3.14
C PRO B 52 -9.16 -1.10 -4.54
N VAL B 53 -9.55 -1.87 -5.52
CA VAL B 53 -9.58 -1.38 -6.93
C VAL B 53 -10.87 -1.85 -7.51
N GLU B 54 -11.46 -1.04 -8.37
CA GLU B 54 -12.70 -1.40 -8.98
C GLU B 54 -12.30 -2.11 -10.21
N TYR B 55 -12.48 -3.44 -10.20
CA TYR B 55 -12.00 -4.32 -11.26
C TYR B 55 -13.02 -4.35 -12.37
N ILE B 56 -12.59 -4.16 -13.60
CA ILE B 56 -13.45 -4.28 -14.76
C ILE B 56 -12.87 -5.28 -15.70
N GLN B 57 -13.49 -6.45 -15.81
CA GLN B 57 -13.09 -7.41 -16.84
C GLN B 57 -13.63 -6.89 -18.18
N CYS B 58 -12.75 -6.79 -19.16
CA CYS B 58 -13.12 -6.23 -20.44
C CYS B 58 -12.09 -6.69 -21.45
N ASP B 59 -12.57 -7.12 -22.62
CA ASP B 59 -11.69 -7.44 -23.71
C ASP B 59 -11.50 -6.19 -24.48
N VAL B 60 -10.39 -5.50 -24.24
CA VAL B 60 -10.35 -4.15 -24.81
C VAL B 60 -10.07 -4.12 -26.33
N SER B 61 -9.84 -5.27 -26.93
CA SER B 61 -9.76 -5.34 -28.38
C SER B 61 -11.18 -5.26 -29.05
N ASP B 62 -12.22 -5.47 -28.23
CA ASP B 62 -13.60 -5.40 -28.66
C ASP B 62 -14.17 -4.02 -28.37
N ASN B 63 -14.40 -3.31 -29.44
CA ASN B 63 -14.76 -1.94 -29.38
C ASN B 63 -16.08 -1.77 -28.63
N GLN B 64 -17.07 -2.60 -28.94
CA GLN B 64 -18.42 -2.36 -28.40
C GLN B 64 -18.45 -2.67 -26.91
N GLU B 65 -17.73 -3.71 -26.53
CA GLU B 65 -17.63 -4.07 -25.16
C GLU B 65 -16.91 -2.98 -24.36
N THR B 66 -15.80 -2.50 -24.93
CA THR B 66 -15.03 -1.41 -24.30
C THR B 66 -15.87 -0.13 -24.09
N ILE B 67 -16.61 0.23 -25.11
CA ILE B 67 -17.51 1.36 -25.00
C ILE B 67 -18.56 1.11 -23.88
N SER B 68 -19.17 -0.08 -23.87
CA SER B 68 -20.21 -0.31 -22.88
C SER B 68 -19.63 -0.23 -21.51
N LYS B 69 -18.45 -0.79 -21.32
CA LYS B 69 -17.85 -0.83 -20.01
C LYS B 69 -17.13 0.44 -19.49
N LEU B 70 -16.48 1.19 -20.40
CA LEU B 70 -15.73 2.34 -19.99
C LEU B 70 -16.43 3.69 -20.18
N SER B 71 -17.32 3.80 -21.15
CA SER B 71 -18.10 5.04 -21.32
C SER B 71 -18.79 5.59 -20.10
N PRO B 72 -19.32 4.74 -19.23
CA PRO B 72 -19.97 5.32 -18.05
C PRO B 72 -19.02 5.91 -17.01
N LEU B 73 -17.69 5.73 -17.17
CA LEU B 73 -16.71 6.18 -16.15
C LEU B 73 -16.32 7.63 -16.33
N LYS B 74 -17.21 8.50 -15.89
CA LYS B 74 -17.12 9.93 -16.18
C LYS B 74 -16.08 10.62 -15.37
N ASP B 75 -15.64 9.97 -14.30
CA ASP B 75 -14.79 10.64 -13.30
C ASP B 75 -13.23 10.43 -13.54
N ILE B 76 -12.86 9.74 -14.61
CA ILE B 76 -11.46 9.44 -14.90
C ILE B 76 -10.66 10.69 -15.17
N THR B 77 -9.50 10.79 -14.50
CA THR B 77 -8.58 11.94 -14.70
C THR B 77 -7.23 11.58 -15.38
N HIS B 78 -6.83 10.34 -15.26
CA HIS B 78 -5.51 9.86 -15.75
C HIS B 78 -5.62 8.47 -16.23
N ILE B 79 -5.14 8.23 -17.44
CA ILE B 79 -5.15 6.90 -17.99
C ILE B 79 -3.70 6.37 -17.93
N PHE B 80 -3.56 5.14 -17.45
CA PHE B 80 -2.26 4.42 -17.44
C PHE B 80 -2.39 3.16 -18.34
N TYR B 81 -1.83 3.24 -19.53
CA TYR B 81 -1.97 2.13 -20.49
C TYR B 81 -0.69 1.26 -20.38
N VAL B 82 -0.88 0.12 -19.74
CA VAL B 82 0.18 -0.79 -19.32
C VAL B 82 -0.22 -2.18 -19.72
N SER B 83 -0.61 -2.31 -20.99
CA SER B 83 -1.08 -3.57 -21.57
C SER B 83 -0.47 -3.79 -22.96
N TRP B 84 -0.52 -5.01 -23.42
CA TRP B 84 -0.27 -5.36 -24.81
C TRP B 84 -1.02 -6.68 -25.06
N ILE B 85 -1.19 -7.06 -26.33
CA ILE B 85 -2.03 -8.16 -26.68
C ILE B 85 -1.35 -9.52 -26.46
N GLY B 86 -0.03 -9.53 -26.33
CA GLY B 86 0.73 -10.77 -26.14
C GLY B 86 1.34 -11.30 -27.45
N SER B 87 1.15 -10.56 -28.52
CA SER B 87 1.99 -10.69 -29.72
C SER B 87 2.49 -9.31 -30.14
N GLU B 88 3.34 -9.29 -31.16
CA GLU B 88 3.89 -8.09 -31.76
C GLU B 88 3.06 -7.58 -32.94
N ASP B 89 1.86 -8.10 -33.12
CA ASP B 89 0.98 -7.58 -34.19
C ASP B 89 0.69 -6.10 -34.00
N CYS B 90 1.09 -5.27 -34.97
CA CYS B 90 0.91 -3.79 -34.88
C CYS B 90 -0.56 -3.39 -34.90
N GLN B 91 -1.36 -4.10 -35.69
CA GLN B 91 -2.77 -3.75 -35.79
C GLN B 91 -3.60 -4.08 -34.54
N THR B 92 -3.45 -5.28 -34.03
CA THR B 92 -4.25 -5.73 -32.91
C THR B 92 -3.82 -5.00 -31.61
N ASN B 93 -2.54 -4.71 -31.46
CA ASN B 93 -2.11 -3.87 -30.31
C ASN B 93 -2.70 -2.47 -30.39
N ALA B 94 -2.77 -1.97 -31.63
CA ALA B 94 -3.20 -0.60 -31.84
C ALA B 94 -4.69 -0.50 -31.54
N THR B 95 -5.42 -1.55 -31.87
CA THR B 95 -6.87 -1.57 -31.70
C THR B 95 -7.18 -1.42 -30.19
N MET B 96 -6.44 -2.12 -29.35
CA MET B 96 -6.60 -2.02 -27.86
C MET B 96 -6.47 -0.63 -27.36
N PHE B 97 -5.43 0.05 -27.79
CA PHE B 97 -5.18 1.40 -27.31
C PHE B 97 -6.18 2.43 -27.84
N LYS B 98 -6.48 2.37 -29.13
CA LYS B 98 -7.55 3.21 -29.69
C LYS B 98 -8.90 3.01 -29.04
N ASN B 99 -9.27 1.77 -28.73
CA ASN B 99 -10.57 1.55 -28.09
C ASN B 99 -10.59 2.17 -26.69
N ILE B 100 -9.45 2.12 -25.99
CA ILE B 100 -9.41 2.81 -24.67
C ILE B 100 -9.62 4.30 -24.81
N LEU B 101 -8.89 4.94 -25.70
CA LEU B 101 -9.04 6.37 -25.88
C LEU B 101 -10.41 6.77 -26.42
N ASN B 102 -10.91 6.01 -27.40
CA ASN B 102 -12.20 6.38 -28.06
C ASN B 102 -13.37 6.22 -27.08
N SER B 103 -13.21 5.32 -26.11
CA SER B 103 -14.25 5.10 -25.09
C SER B 103 -14.27 6.09 -23.93
N VAL B 104 -13.09 6.57 -23.56
CA VAL B 104 -12.92 7.44 -22.42
C VAL B 104 -12.85 8.90 -22.79
N ILE B 105 -12.12 9.29 -23.84
CA ILE B 105 -11.91 10.70 -24.12
C ILE B 105 -13.22 11.48 -24.25
N PRO B 106 -14.20 10.94 -24.97
CA PRO B 106 -15.42 11.74 -25.12
C PRO B 106 -16.31 11.68 -23.89
N ASN B 107 -16.00 10.89 -22.88
CA ASN B 107 -16.86 10.78 -21.70
C ASN B 107 -16.31 11.30 -20.34
N ALA B 108 -14.99 11.44 -20.24
CA ALA B 108 -14.34 11.83 -18.99
C ALA B 108 -13.95 13.31 -19.05
N SER B 109 -14.85 14.20 -18.66
CA SER B 109 -14.66 15.61 -18.99
C SER B 109 -13.48 16.21 -18.27
N ASN B 110 -13.04 15.55 -17.20
CA ASN B 110 -11.90 16.03 -16.48
C ASN B 110 -10.65 15.27 -16.75
N LEU B 111 -10.60 14.56 -17.85
CA LEU B 111 -9.39 13.84 -18.22
C LEU B 111 -8.28 14.82 -18.42
N GLN B 112 -7.11 14.51 -17.89
CA GLN B 112 -5.95 15.37 -17.98
C GLN B 112 -4.77 14.79 -18.76
N HIS B 113 -4.56 13.50 -18.61
CA HIS B 113 -3.29 12.87 -19.04
C HIS B 113 -3.46 11.44 -19.46
N VAL B 114 -2.66 11.06 -20.44
CA VAL B 114 -2.53 9.68 -20.84
C VAL B 114 -1.07 9.24 -20.77
N CYS B 115 -0.78 8.21 -19.98
CA CYS B 115 0.53 7.58 -19.94
C CYS B 115 0.48 6.33 -20.77
N LEU B 116 1.42 6.22 -21.70
CA LEU B 116 1.57 5.07 -22.55
C LEU B 116 2.85 4.37 -22.14
N GLN B 117 2.78 3.10 -21.79
CA GLN B 117 4.04 2.31 -21.52
C GLN B 117 4.43 1.49 -22.73
N THR B 118 5.64 1.75 -23.26
CA THR B 118 6.24 0.92 -24.26
C THR B 118 7.50 0.29 -23.62
N GLY B 119 8.67 0.52 -24.17
CA GLY B 119 9.82 -0.21 -23.65
C GLY B 119 11.04 0.05 -24.45
N ILE B 120 12.14 -0.59 -24.01
CA ILE B 120 13.39 -0.38 -24.66
C ILE B 120 13.51 -1.12 -26.00
N LYS B 121 12.62 -2.06 -26.33
CA LYS B 121 12.60 -2.57 -27.73
C LYS B 121 12.58 -1.44 -28.77
N HIS B 122 12.05 -0.29 -28.42
CA HIS B 122 12.16 0.90 -29.31
C HIS B 122 13.56 1.17 -29.87
N TYR B 123 14.57 0.84 -29.07
CA TYR B 123 15.93 1.15 -29.44
C TYR B 123 16.64 0.04 -30.17
N PHE B 124 16.17 -1.21 -30.06
CA PHE B 124 16.94 -2.31 -30.62
C PHE B 124 16.19 -3.22 -31.58
N GLY B 125 14.88 -3.22 -31.52
CA GLY B 125 14.07 -3.86 -32.50
C GLY B 125 13.06 -4.78 -31.86
N ILE B 126 12.62 -5.76 -32.64
CA ILE B 126 11.44 -6.57 -32.35
C ILE B 126 11.88 -8.01 -32.04
N PHE B 127 11.09 -8.79 -31.28
CA PHE B 127 11.46 -10.15 -30.94
C PHE B 127 11.30 -11.11 -32.12
N GLU B 128 10.38 -10.84 -33.04
CA GLU B 128 10.19 -11.65 -34.27
C GLU B 128 11.47 -11.60 -35.11
N VAL B 133 17.01 -3.85 -38.18
CA VAL B 133 17.48 -4.98 -37.41
C VAL B 133 18.89 -4.63 -36.86
N VAL B 134 19.51 -3.55 -37.33
CA VAL B 134 20.74 -3.02 -36.65
C VAL B 134 20.39 -2.13 -35.44
N PRO B 135 20.65 -2.60 -34.21
CA PRO B 135 20.23 -1.76 -33.09
C PRO B 135 21.00 -0.45 -33.00
N HIS B 136 20.38 0.56 -32.41
CA HIS B 136 21.13 1.76 -31.99
C HIS B 136 22.22 1.43 -30.97
N ASP B 137 23.26 2.27 -30.95
CA ASP B 137 24.29 2.22 -29.89
C ASP B 137 23.65 2.58 -28.56
N SER B 138 24.23 2.07 -27.50
CA SER B 138 23.77 2.27 -26.15
C SER B 138 24.90 3.09 -25.48
N PRO B 139 24.65 3.85 -24.43
CA PRO B 139 23.41 3.92 -23.69
C PRO B 139 22.29 4.59 -24.43
N PHE B 140 21.09 4.05 -24.34
CA PHE B 140 19.98 4.56 -25.11
C PHE B 140 19.42 5.81 -24.50
N THR B 141 19.19 6.79 -25.36
CA THR B 141 18.57 8.04 -24.97
C THR B 141 17.26 8.21 -25.75
N GLU B 142 16.36 8.98 -25.17
CA GLU B 142 14.97 9.11 -25.63
C GLU B 142 14.77 9.70 -27.00
N ASP B 143 15.71 10.56 -27.38
CA ASP B 143 15.75 11.20 -28.69
C ASP B 143 16.23 10.34 -29.86
N LEU B 144 16.59 9.10 -29.63
CA LEU B 144 17.07 8.29 -30.73
C LEU B 144 15.90 8.07 -31.69
N PRO B 145 16.14 8.22 -33.00
CA PRO B 145 15.01 8.03 -33.95
C PRO B 145 14.54 6.58 -34.06
N ARG B 146 13.32 6.42 -34.54
CA ARG B 146 12.79 5.08 -34.75
C ARG B 146 13.63 4.26 -35.69
N LEU B 147 13.70 2.97 -35.47
CA LEU B 147 14.33 2.07 -36.38
C LEU B 147 13.31 1.73 -37.48
N ASN B 148 13.81 1.34 -38.64
CA ASN B 148 12.90 0.94 -39.72
C ASN B 148 12.46 -0.54 -39.53
N VAL B 149 11.51 -0.76 -38.63
CA VAL B 149 11.01 -2.09 -38.33
C VAL B 149 9.57 -1.93 -37.90
N PRO B 150 8.77 -2.97 -38.09
CA PRO B 150 7.37 -2.89 -37.71
C PRO B 150 7.19 -3.07 -36.19
N ASN B 151 7.46 -1.99 -35.47
CA ASN B 151 7.34 -2.00 -34.02
C ASN B 151 6.01 -1.40 -33.61
N PHE B 152 5.13 -2.21 -32.98
CA PHE B 152 3.82 -1.72 -32.54
C PHE B 152 3.91 -0.47 -31.63
N TYR B 153 5.06 -0.33 -30.94
CA TYR B 153 5.33 0.90 -30.18
C TYR B 153 5.19 2.14 -31.02
N HIS B 154 5.60 2.09 -32.29
CA HIS B 154 5.47 3.24 -33.14
C HIS B 154 4.00 3.65 -33.35
N ASP B 155 3.17 2.69 -33.67
CA ASP B 155 1.71 2.92 -33.85
C ASP B 155 1.07 3.44 -32.58
N LEU B 156 1.37 2.83 -31.45
CA LEU B 156 0.86 3.37 -30.13
C LEU B 156 1.26 4.82 -29.87
N GLU B 157 2.52 5.17 -30.04
CA GLU B 157 2.92 6.57 -29.94
C GLU B 157 2.14 7.48 -30.86
N ASP B 158 2.01 7.10 -32.12
CA ASP B 158 1.32 7.97 -33.07
C ASP B 158 -0.09 8.24 -32.68
N ILE B 159 -0.79 7.23 -32.21
CA ILE B 159 -2.16 7.37 -31.76
C ILE B 159 -2.16 8.28 -30.52
N LEU B 160 -1.19 8.08 -29.61
CA LEU B 160 -1.12 8.91 -28.39
C LEU B 160 -0.96 10.39 -28.75
N TYR B 161 -0.02 10.69 -29.66
CA TYR B 161 0.25 12.08 -30.02
C TYR B 161 -0.97 12.66 -30.72
N GLU B 162 -1.55 11.93 -31.66
CA GLU B 162 -2.67 12.47 -32.45
C GLU B 162 -3.92 12.73 -31.53
N GLU B 163 -4.25 11.79 -30.64
CA GLU B 163 -5.41 11.94 -29.82
C GLU B 163 -5.27 12.96 -28.68
N THR B 164 -4.13 13.02 -28.05
CA THR B 164 -3.98 13.96 -26.94
C THR B 164 -3.86 15.39 -27.48
N GLY B 165 -3.28 15.53 -28.65
CA GLY B 165 -3.07 16.83 -29.32
C GLY B 165 -4.44 17.42 -29.63
N LYS B 166 -5.29 16.69 -30.36
CA LYS B 166 -6.60 17.24 -30.74
C LYS B 166 -7.64 17.29 -29.61
N ASN B 167 -7.35 16.68 -28.46
CA ASN B 167 -8.18 16.87 -27.29
C ASN B 167 -7.24 17.71 -26.51
N ASN B 168 -7.46 18.11 -25.30
CA ASN B 168 -6.39 19.04 -24.92
C ASN B 168 -5.70 18.37 -23.74
N LEU B 169 -5.03 17.25 -24.02
CA LEU B 169 -4.53 16.38 -23.00
C LEU B 169 -3.03 16.38 -23.04
N THR B 170 -2.40 16.16 -21.88
CA THR B 170 -0.97 15.89 -21.87
C THR B 170 -0.69 14.42 -22.02
N TRP B 171 0.56 14.10 -22.40
CA TRP B 171 0.93 12.72 -22.70
C TRP B 171 2.33 12.42 -22.09
N SER B 172 2.59 11.15 -21.86
CA SER B 172 3.95 10.69 -21.65
C SER B 172 4.12 9.31 -22.26
N VAL B 173 5.35 9.02 -22.72
CA VAL B 173 5.72 7.71 -23.16
C VAL B 173 6.82 7.19 -22.23
N HIS B 174 6.62 6.04 -21.64
CA HIS B 174 7.55 5.46 -20.72
C HIS B 174 8.15 4.26 -21.33
N ARG B 175 9.45 4.18 -21.30
CA ARG B 175 10.16 3.08 -21.89
C ARG B 175 10.96 2.32 -20.86
N PRO B 176 10.31 1.37 -20.19
CA PRO B 176 11.02 0.72 -19.13
C PRO B 176 11.97 -0.25 -19.68
N ALA B 177 13.00 -0.46 -18.90
CA ALA B 177 13.92 -1.58 -19.10
C ALA B 177 13.20 -2.88 -18.68
N LEU B 178 13.89 -4.01 -18.75
CA LEU B 178 13.41 -5.28 -18.22
C LEU B 178 12.81 -5.08 -16.80
N VAL B 179 11.59 -5.57 -16.56
CA VAL B 179 10.87 -5.26 -15.31
C VAL B 179 11.03 -6.34 -14.27
N PHE B 180 11.45 -5.93 -13.06
CA PHE B 180 11.48 -6.81 -11.92
C PHE B 180 10.13 -6.55 -11.16
N GLY B 181 9.30 -7.57 -11.05
CA GLY B 181 7.99 -7.47 -10.53
C GLY B 181 7.47 -8.82 -10.08
N PHE B 182 6.21 -8.83 -9.68
CA PHE B 182 5.65 -9.95 -8.93
C PHE B 182 4.43 -10.64 -9.51
N SER B 183 3.82 -10.07 -10.53
CA SER B 183 2.56 -10.56 -11.01
C SER B 183 2.69 -11.91 -11.62
N PRO B 184 1.84 -12.84 -11.16
CA PRO B 184 1.85 -14.15 -11.84
C PRO B 184 0.98 -14.27 -13.12
N CYS B 185 0.38 -13.18 -13.56
CA CYS B 185 -0.47 -13.19 -14.75
C CYS B 185 0.22 -12.39 -15.85
N SER B 186 1.51 -12.11 -15.73
CA SER B 186 2.20 -11.33 -16.75
C SER B 186 2.57 -12.24 -17.89
N MET B 187 2.65 -11.70 -19.06
CA MET B 187 3.24 -12.46 -20.20
C MET B 187 4.76 -12.30 -20.32
N MET B 188 5.38 -11.46 -19.48
CA MET B 188 6.81 -11.29 -19.48
C MET B 188 7.32 -10.87 -18.10
N ASN B 189 7.41 -11.83 -17.22
CA ASN B 189 7.92 -11.60 -15.83
C ASN B 189 9.14 -12.47 -15.57
N ILE B 190 10.29 -11.85 -15.70
CA ILE B 190 11.58 -12.54 -15.62
C ILE B 190 11.80 -13.09 -14.28
N VAL B 191 11.47 -12.32 -13.24
CA VAL B 191 11.68 -12.82 -11.91
C VAL B 191 10.85 -14.09 -11.64
N SER B 192 9.56 -14.04 -11.94
CA SER B 192 8.69 -15.21 -11.71
C SER B 192 9.14 -16.41 -12.55
N THR B 193 9.62 -16.14 -13.78
CA THR B 193 10.10 -17.16 -14.66
C THR B 193 11.27 -17.88 -14.01
N LEU B 194 12.20 -17.13 -13.45
CA LEU B 194 13.39 -17.71 -12.86
C LEU B 194 13.08 -18.37 -11.53
N CYS B 195 12.18 -17.80 -10.76
CA CYS B 195 11.67 -18.47 -9.54
C CYS B 195 10.98 -19.81 -9.81
N VAL B 196 10.19 -19.86 -10.88
CA VAL B 196 9.57 -21.13 -11.31
C VAL B 196 10.62 -22.15 -11.68
N TYR B 197 11.60 -21.76 -12.47
CA TYR B 197 12.64 -22.63 -12.83
C TYR B 197 13.41 -23.13 -11.61
N ALA B 198 13.78 -22.23 -10.75
CA ALA B 198 14.47 -22.61 -9.52
C ALA B 198 13.64 -23.63 -8.69
N THR B 199 12.35 -23.37 -8.61
CA THR B 199 11.43 -24.19 -7.83
C THR B 199 11.32 -25.59 -8.44
N ILE B 200 11.21 -25.67 -9.78
CA ILE B 200 11.17 -26.96 -10.47
C ILE B 200 12.52 -27.67 -10.24
N CYS B 201 13.65 -26.98 -10.40
CA CYS B 201 14.94 -27.58 -10.13
C CYS B 201 15.05 -28.20 -8.73
N LYS B 202 14.59 -27.46 -7.70
CA LYS B 202 14.68 -27.88 -6.33
C LYS B 202 13.81 -29.12 -6.09
N HIS B 203 12.60 -29.07 -6.60
CA HIS B 203 11.71 -30.20 -6.61
C HIS B 203 12.33 -31.45 -7.23
N GLU B 204 13.08 -31.31 -8.31
CA GLU B 204 13.61 -32.47 -9.02
C GLU B 204 14.97 -32.82 -8.50
N ASN B 205 15.36 -32.27 -7.35
CA ASN B 205 16.72 -32.40 -6.87
C ASN B 205 17.79 -32.13 -7.91
N LYS B 206 17.65 -31.03 -8.63
CA LYS B 206 18.66 -30.63 -9.62
C LYS B 206 19.25 -29.28 -9.27
N ALA B 207 20.46 -29.03 -9.79
CA ALA B 207 21.13 -27.74 -9.61
C ALA B 207 20.44 -26.66 -10.42
N LEU B 208 20.67 -25.42 -9.99
CA LEU B 208 20.21 -24.28 -10.75
C LEU B 208 21.25 -24.02 -11.84
N VAL B 209 21.02 -24.61 -13.01
CA VAL B 209 21.92 -24.55 -14.14
C VAL B 209 21.62 -23.35 -15.01
N TYR B 210 22.61 -22.47 -15.16
CA TYR B 210 22.44 -21.39 -16.10
C TYR B 210 22.42 -21.88 -17.54
N PRO B 211 21.37 -21.54 -18.31
CA PRO B 211 21.23 -21.93 -19.68
C PRO B 211 21.65 -20.97 -20.75
N GLY B 212 22.07 -19.79 -20.36
CA GLY B 212 22.19 -18.70 -21.34
C GLY B 212 23.58 -18.59 -21.98
N SER B 213 23.81 -17.47 -22.66
CA SER B 213 25.06 -17.20 -23.37
C SER B 213 26.17 -16.69 -22.47
N LYS B 214 27.38 -16.88 -22.91
CA LYS B 214 28.52 -16.34 -22.20
C LYS B 214 28.42 -14.82 -22.07
N ASN B 215 28.06 -14.19 -23.15
CA ASN B 215 28.02 -12.72 -23.15
C ASN B 215 27.04 -12.18 -22.12
N SER B 216 25.88 -12.83 -21.98
CA SER B 216 24.83 -12.28 -21.12
C SER B 216 25.18 -12.63 -19.67
N TRP B 217 25.99 -13.66 -19.45
CA TRP B 217 26.47 -13.94 -18.07
C TRP B 217 27.31 -12.79 -17.56
N ASN B 218 28.17 -12.28 -18.43
CA ASN B 218 29.25 -11.39 -18.06
C ASN B 218 29.03 -9.91 -18.35
N CYS B 219 28.04 -9.56 -19.16
CA CYS B 219 27.93 -8.17 -19.56
C CYS B 219 27.20 -7.37 -18.51
N TYR B 220 27.28 -6.04 -18.58
CA TYR B 220 26.47 -5.22 -17.74
C TYR B 220 25.03 -5.23 -18.32
N ALA B 221 24.07 -5.27 -17.41
CA ALA B 221 22.62 -5.24 -17.71
C ALA B 221 21.92 -4.29 -16.82
N ASP B 222 20.73 -3.88 -17.24
CA ASP B 222 19.87 -3.10 -16.32
C ASP B 222 18.40 -3.52 -16.29
N ALA B 223 17.70 -3.04 -15.29
CA ALA B 223 16.29 -3.45 -15.08
C ALA B 223 15.57 -2.38 -14.35
N VAL B 224 14.27 -2.58 -14.13
CA VAL B 224 13.49 -1.65 -13.34
C VAL B 224 12.53 -2.38 -12.45
N ASP B 225 12.49 -1.99 -11.19
CA ASP B 225 11.47 -2.43 -10.31
C ASP B 225 10.07 -1.94 -10.76
N ALA B 226 9.07 -2.80 -10.65
CA ALA B 226 7.71 -2.45 -11.10
C ALA B 226 7.16 -1.26 -10.32
N ASP B 227 7.53 -1.16 -9.05
CA ASP B 227 7.09 -0.12 -8.22
C ASP B 227 7.73 1.17 -8.64
N LEU B 228 8.93 1.12 -9.16
CA LEU B 228 9.56 2.36 -9.68
C LEU B 228 8.93 2.83 -10.96
N VAL B 229 8.55 1.88 -11.84
CA VAL B 229 7.87 2.28 -13.08
C VAL B 229 6.56 2.97 -12.71
N ALA B 230 5.82 2.38 -11.76
CA ALA B 230 4.63 2.99 -11.24
C ALA B 230 4.90 4.43 -10.72
N GLU B 231 5.92 4.58 -9.88
CA GLU B 231 6.25 5.91 -9.32
C GLU B 231 6.58 6.93 -10.42
N HIS B 232 7.31 6.46 -11.42
CA HIS B 232 7.74 7.27 -12.54
C HIS B 232 6.51 7.67 -13.39
N GLU B 233 5.59 6.73 -13.64
CA GLU B 233 4.40 7.02 -14.47
C GLU B 233 3.48 8.02 -13.73
N ILE B 234 3.42 7.90 -12.40
CA ILE B 234 2.63 8.73 -11.58
C ILE B 234 3.22 10.13 -11.64
N TRP B 235 4.53 10.19 -11.49
CA TRP B 235 5.29 11.47 -11.53
C TRP B 235 5.01 12.23 -12.83
N ALA B 236 5.08 11.52 -13.94
CA ALA B 236 4.90 12.17 -15.20
C ALA B 236 3.44 12.51 -15.36
N ALA B 237 2.57 11.78 -14.72
CA ALA B 237 1.14 12.10 -14.80
C ALA B 237 0.71 13.33 -13.96
N VAL B 238 1.47 13.69 -12.95
CA VAL B 238 1.03 14.77 -12.07
C VAL B 238 1.98 15.99 -12.08
N ASP B 239 3.27 15.79 -12.30
CA ASP B 239 4.20 16.90 -12.31
C ASP B 239 4.22 17.66 -13.65
N PRO B 240 3.82 18.94 -13.66
CA PRO B 240 3.74 19.70 -14.93
C PRO B 240 5.09 19.83 -15.65
N LYS B 241 6.18 19.78 -14.90
CA LYS B 241 7.52 19.79 -15.58
C LYS B 241 7.82 18.57 -16.42
N ALA B 242 7.16 17.43 -16.17
CA ALA B 242 7.38 16.22 -16.95
C ALA B 242 6.46 16.10 -18.15
N LYS B 243 5.56 17.04 -18.36
CA LYS B 243 4.52 16.80 -19.37
C LYS B 243 5.04 16.66 -20.77
N ASN B 244 4.38 15.81 -21.54
CA ASN B 244 4.65 15.70 -22.97
C ASN B 244 6.11 15.36 -23.24
N GLN B 245 6.54 14.26 -22.64
CA GLN B 245 7.91 13.75 -22.87
C GLN B 245 7.90 12.25 -23.01
N VAL B 246 8.82 11.76 -23.85
CA VAL B 246 9.26 10.39 -23.89
C VAL B 246 10.35 10.19 -22.82
N LEU B 247 10.21 9.14 -22.03
CA LEU B 247 11.05 8.91 -20.84
C LEU B 247 11.39 7.51 -20.58
N ASN B 248 12.67 7.22 -20.55
CA ASN B 248 13.17 5.93 -20.11
C ASN B 248 12.86 5.77 -18.63
N CYS B 249 12.78 4.53 -18.16
CA CYS B 249 12.66 4.20 -16.76
C CYS B 249 13.51 2.97 -16.42
N ASN B 250 14.55 3.14 -15.61
CA ASN B 250 15.26 2.01 -15.06
C ASN B 250 15.70 2.35 -13.63
N ASN B 251 16.26 1.35 -12.96
CA ASN B 251 16.61 1.45 -11.56
C ASN B 251 17.71 2.46 -11.25
N GLY B 252 18.47 2.86 -12.28
CA GLY B 252 19.48 3.84 -12.12
C GLY B 252 20.90 3.25 -11.98
N ASP B 253 21.03 1.94 -11.90
CA ASP B 253 22.33 1.25 -11.71
C ASP B 253 22.40 0.11 -12.77
N VAL B 254 23.42 -0.73 -12.65
CA VAL B 254 23.59 -1.85 -13.57
C VAL B 254 23.90 -3.06 -12.75
N PHE B 255 23.78 -4.23 -13.36
CA PHE B 255 24.11 -5.49 -12.67
C PHE B 255 24.63 -6.46 -13.69
N LYS B 256 25.05 -7.65 -13.23
CA LYS B 256 25.39 -8.73 -14.12
C LYS B 256 24.61 -9.98 -13.76
N TRP B 257 24.16 -10.72 -14.76
CA TRP B 257 23.38 -11.94 -14.50
C TRP B 257 24.17 -12.97 -13.67
N LYS B 258 25.47 -13.01 -13.85
CA LYS B 258 26.28 -13.92 -12.98
C LYS B 258 26.06 -13.70 -11.48
N HIS B 259 25.90 -12.44 -11.09
CA HIS B 259 25.75 -12.13 -9.66
C HIS B 259 24.30 -12.44 -9.22
N ILE B 260 23.35 -12.16 -10.14
CA ILE B 260 21.93 -12.44 -9.89
C ILE B 260 21.75 -13.96 -9.72
N TRP B 261 22.39 -14.71 -10.61
CA TRP B 261 22.27 -16.20 -10.57
C TRP B 261 22.65 -16.76 -9.23
N LYS B 262 23.71 -16.25 -8.67
CA LYS B 262 24.18 -16.75 -7.43
C LYS B 262 23.23 -16.48 -6.33
N LYS B 263 22.70 -15.27 -6.32
CA LYS B 263 21.70 -14.89 -5.37
C LYS B 263 20.49 -15.80 -5.46
N LEU B 264 20.05 -16.06 -6.69
CA LEU B 264 18.91 -16.88 -6.93
C LEU B 264 19.08 -18.27 -6.35
N ALA B 265 20.21 -18.89 -6.66
CA ALA B 265 20.49 -20.21 -6.09
C ALA B 265 20.48 -20.13 -4.55
N GLU B 266 21.12 -19.11 -3.99
CA GLU B 266 21.07 -18.94 -2.51
C GLU B 266 19.66 -18.83 -1.98
N GLU B 267 18.79 -18.06 -2.67
CA GLU B 267 17.45 -17.85 -2.23
C GLU B 267 16.61 -19.12 -2.20
N PHE B 268 16.92 -20.07 -3.09
CA PHE B 268 16.22 -21.35 -3.19
C PHE B 268 16.96 -22.51 -2.53
N GLY B 269 18.04 -22.19 -1.80
CA GLY B 269 18.85 -23.16 -1.12
C GLY B 269 19.36 -24.30 -1.98
N ILE B 270 19.80 -24.04 -3.21
CA ILE B 270 20.25 -25.09 -4.11
C ILE B 270 21.57 -24.72 -4.70
N GLU B 271 22.19 -25.71 -5.30
CA GLU B 271 23.51 -25.53 -5.88
C GLU B 271 23.32 -24.81 -7.19
N MET B 272 24.29 -24.00 -7.51
CA MET B 272 24.23 -23.27 -8.74
C MET B 272 25.27 -23.84 -9.70
N VAL B 273 24.90 -23.99 -10.95
CA VAL B 273 25.89 -24.17 -12.00
C VAL B 273 25.90 -22.93 -12.94
N GLY B 274 27.02 -22.22 -12.93
CA GLY B 274 27.20 -21.04 -13.72
C GLY B 274 27.42 -21.35 -15.18
N TYR B 275 27.80 -20.32 -15.92
CA TYR B 275 28.17 -20.46 -17.28
C TYR B 275 29.41 -21.36 -17.35
N VAL B 276 29.46 -22.28 -18.30
CA VAL B 276 30.58 -23.21 -18.40
C VAL B 276 31.28 -22.87 -19.67
N GLU B 277 32.55 -22.51 -19.55
CA GLU B 277 33.33 -22.02 -20.67
C GLU B 277 33.24 -22.99 -21.81
N GLY B 278 32.88 -22.48 -22.97
CA GLY B 278 32.72 -23.31 -24.14
C GLY B 278 31.32 -23.90 -24.37
N LYS B 279 30.44 -23.86 -23.37
CA LYS B 279 29.12 -24.47 -23.50
C LYS B 279 28.14 -23.44 -24.07
N GLU B 280 27.40 -23.82 -25.10
CA GLU B 280 26.57 -22.84 -25.84
C GLU B 280 25.17 -22.73 -25.21
N GLN B 281 24.53 -21.59 -25.40
CA GLN B 281 23.21 -21.33 -24.86
C GLN B 281 22.27 -22.48 -25.25
N VAL B 282 21.50 -22.99 -24.29
CA VAL B 282 20.40 -23.89 -24.59
C VAL B 282 19.08 -23.18 -24.23
N SER B 283 17.98 -23.64 -24.81
CA SER B 283 16.70 -22.95 -24.62
C SER B 283 16.00 -23.43 -23.34
N LEU B 284 15.79 -22.50 -22.45
CA LEU B 284 15.03 -22.78 -21.22
C LEU B 284 13.58 -23.15 -21.54
N ALA B 285 13.01 -22.55 -22.58
CA ALA B 285 11.66 -22.94 -22.99
C ALA B 285 11.59 -24.43 -23.35
N GLU B 286 12.59 -24.91 -24.04
CA GLU B 286 12.71 -26.33 -24.39
C GLU B 286 12.95 -27.19 -23.18
N LEU B 287 13.84 -26.80 -22.30
CA LEU B 287 14.02 -27.56 -21.08
C LEU B 287 12.74 -27.71 -20.28
N MET B 288 11.83 -26.75 -20.38
CA MET B 288 10.67 -26.76 -19.53
C MET B 288 9.43 -27.18 -20.25
N LYS B 289 9.58 -27.54 -21.50
CA LYS B 289 8.46 -27.75 -22.39
C LYS B 289 7.37 -28.73 -21.84
N ASP B 290 7.71 -29.70 -21.03
CA ASP B 290 6.61 -30.55 -20.48
C ASP B 290 6.63 -30.64 -18.98
N LYS B 291 6.81 -29.46 -18.36
CA LYS B 291 6.77 -29.36 -16.94
C LYS B 291 5.39 -28.92 -16.40
N ASP B 292 4.39 -28.76 -17.24
CA ASP B 292 3.09 -28.29 -16.76
C ASP B 292 2.51 -29.08 -15.58
N GLN B 293 2.53 -30.42 -15.67
CA GLN B 293 1.92 -31.21 -14.58
C GLN B 293 2.82 -31.16 -13.36
N VAL B 294 4.15 -31.10 -13.54
CA VAL B 294 5.06 -30.93 -12.39
C VAL B 294 4.66 -29.62 -11.68
N TRP B 295 4.43 -28.58 -12.48
CA TRP B 295 4.07 -27.27 -11.88
C TRP B 295 2.74 -27.42 -11.10
N ASP B 296 1.76 -28.06 -11.72
CA ASP B 296 0.46 -28.29 -11.03
C ASP B 296 0.63 -28.96 -9.67
N GLU B 297 1.55 -29.89 -9.61
CA GLU B 297 1.81 -30.69 -8.43
C GLU B 297 2.54 -29.90 -7.37
N ILE B 298 3.46 -29.05 -7.81
CA ILE B 298 4.12 -28.10 -6.88
C ILE B 298 3.07 -27.15 -6.22
N VAL B 299 2.16 -26.66 -7.05
CA VAL B 299 1.12 -25.75 -6.62
C VAL B 299 0.25 -26.40 -5.52
N LYS B 300 -0.20 -27.64 -5.77
CA LYS B 300 -1.07 -28.36 -4.82
C LYS B 300 -0.28 -28.71 -3.54
N LYS B 301 0.90 -29.31 -3.68
CA LYS B 301 1.71 -29.67 -2.51
C LYS B 301 2.07 -28.52 -1.59
N ASN B 302 2.25 -27.32 -2.14
CA ASN B 302 2.65 -26.17 -1.32
C ASN B 302 1.47 -25.21 -1.07
N ASN B 303 0.31 -25.58 -1.60
CA ASN B 303 -0.93 -24.79 -1.50
C ASN B 303 -0.70 -23.35 -1.92
N LEU B 304 -0.19 -23.20 -3.13
CA LEU B 304 0.05 -21.94 -3.73
C LEU B 304 -1.20 -21.44 -4.38
N VAL B 305 -1.23 -20.15 -4.66
CA VAL B 305 -2.21 -19.60 -5.55
C VAL B 305 -2.18 -20.38 -6.84
N PRO B 306 -3.35 -20.79 -7.33
CA PRO B 306 -3.26 -21.72 -8.48
C PRO B 306 -2.85 -20.99 -9.71
N THR B 307 -1.76 -21.42 -10.34
CA THR B 307 -1.31 -20.81 -11.54
C THR B 307 -0.99 -21.89 -12.52
N LYS B 308 -1.14 -21.58 -13.81
CA LYS B 308 -0.69 -22.51 -14.83
C LYS B 308 0.71 -22.12 -15.26
N LEU B 309 1.51 -23.13 -15.57
CA LEU B 309 2.89 -22.92 -15.93
C LEU B 309 3.11 -21.80 -16.94
N LYS B 310 2.37 -21.85 -18.05
CA LYS B 310 2.58 -20.93 -19.15
C LYS B 310 2.11 -19.52 -18.84
N GLU B 311 1.28 -19.35 -17.84
CA GLU B 311 0.85 -18.02 -17.44
C GLU B 311 1.82 -17.37 -16.43
N ILE B 312 2.29 -18.13 -15.45
CA ILE B 312 3.23 -17.63 -14.44
C ILE B 312 4.64 -17.42 -14.95
N ALA B 313 5.09 -18.24 -15.91
CA ALA B 313 6.45 -18.16 -16.44
C ALA B 313 6.42 -17.84 -17.93
N ALA B 314 7.48 -17.20 -18.39
CA ALA B 314 7.70 -16.90 -19.83
C ALA B 314 9.11 -17.31 -20.16
N PHE B 315 9.29 -18.60 -20.34
CA PHE B 315 10.65 -19.11 -20.52
C PHE B 315 11.33 -18.54 -21.75
N TRP B 316 10.51 -18.28 -22.78
CA TRP B 316 11.01 -17.72 -24.02
C TRP B 316 11.63 -16.32 -23.81
N PHE B 317 11.09 -15.58 -22.85
CA PHE B 317 11.54 -14.24 -22.56
C PHE B 317 12.86 -14.32 -21.83
N ALA B 318 12.98 -15.29 -20.95
CA ALA B 318 14.29 -15.53 -20.31
C ALA B 318 15.39 -15.89 -21.37
N ASP B 319 15.02 -16.64 -22.43
CA ASP B 319 15.97 -16.98 -23.49
C ASP B 319 16.50 -15.76 -24.19
N ILE B 320 15.60 -14.82 -24.46
CA ILE B 320 15.99 -13.57 -25.07
C ILE B 320 16.91 -12.75 -24.15
N ALA B 321 16.56 -12.66 -22.91
CA ALA B 321 17.40 -11.88 -21.98
C ALA B 321 18.83 -12.47 -21.88
N PHE B 322 18.89 -13.80 -21.92
CA PHE B 322 20.13 -14.48 -21.86
C PHE B 322 20.88 -14.64 -23.20
N CYS B 323 20.40 -14.01 -24.28
CA CYS B 323 21.29 -13.74 -25.38
C CYS B 323 21.38 -12.26 -25.70
N SER B 324 21.05 -11.37 -24.77
CA SER B 324 21.13 -9.95 -25.05
C SER B 324 22.33 -9.28 -24.37
N GLU B 325 22.83 -8.21 -25.00
CA GLU B 325 23.85 -7.41 -24.38
C GLU B 325 23.82 -6.04 -25.01
N ASN B 326 24.49 -5.08 -24.38
CA ASN B 326 24.49 -3.70 -24.85
C ASN B 326 23.15 -3.02 -24.92
N LEU B 327 22.28 -3.25 -23.91
CA LEU B 327 20.94 -2.69 -23.95
C LEU B 327 20.74 -1.73 -22.76
N ILE B 328 21.84 -1.24 -22.17
CA ILE B 328 21.72 -0.23 -21.12
C ILE B 328 21.01 1.03 -21.67
N SER B 329 20.06 1.54 -20.91
CA SER B 329 19.35 2.80 -21.18
C SER B 329 19.74 3.87 -20.16
N SER B 330 19.63 5.12 -20.54
CA SER B 330 20.01 6.27 -19.73
C SER B 330 18.83 6.86 -19.00
N MET B 331 19.02 7.15 -17.71
CA MET B 331 18.07 7.93 -16.98
C MET B 331 18.36 9.42 -16.88
N ASN B 332 19.31 9.95 -17.67
CA ASN B 332 19.65 11.34 -17.47
C ASN B 332 18.47 12.29 -17.69
N LYS B 333 17.68 12.04 -18.72
CA LYS B 333 16.62 12.95 -19.06
C LYS B 333 15.61 13.08 -17.92
N SER B 334 15.23 11.97 -17.31
CA SER B 334 14.35 12.04 -16.19
C SER B 334 14.98 12.71 -14.97
N LYS B 335 16.27 12.43 -14.69
CA LYS B 335 16.93 13.03 -13.56
C LYS B 335 17.08 14.55 -13.76
N GLU B 336 17.35 14.97 -14.98
CA GLU B 336 17.48 16.38 -15.29
C GLU B 336 16.15 17.08 -15.19
N LEU B 337 15.07 16.33 -15.36
CA LEU B 337 13.72 16.88 -15.15
C LEU B 337 13.34 16.83 -13.69
N GLY B 338 14.20 16.33 -12.81
CA GLY B 338 13.86 16.26 -11.39
C GLY B 338 13.27 14.97 -10.81
N PHE B 339 13.15 13.88 -11.60
CA PHE B 339 12.80 12.60 -11.04
C PHE B 339 14.08 11.85 -10.58
N LEU B 340 14.20 11.65 -9.28
CA LEU B 340 15.42 11.06 -8.70
C LEU B 340 15.14 9.71 -8.04
N GLY B 341 13.99 9.13 -8.38
CA GLY B 341 13.62 7.78 -7.99
C GLY B 341 14.65 6.81 -8.49
N PHE B 342 14.98 5.84 -7.67
CA PHE B 342 15.93 4.78 -8.05
C PHE B 342 15.64 3.49 -7.26
N ARG B 343 16.24 2.36 -7.64
CA ARG B 343 16.32 1.18 -6.75
C ARG B 343 17.71 0.55 -6.90
N ASN B 344 18.18 -0.06 -5.82
CA ASN B 344 19.29 -1.05 -5.91
C ASN B 344 18.77 -2.32 -6.58
N SER B 345 19.30 -2.64 -7.75
CA SER B 345 18.76 -3.72 -8.54
C SER B 345 18.89 -5.11 -7.93
N MET B 346 19.98 -5.38 -7.19
CA MET B 346 20.12 -6.62 -6.50
C MET B 346 19.05 -6.72 -5.39
N LYS B 347 18.83 -5.64 -4.63
CA LYS B 347 17.73 -5.59 -3.67
C LYS B 347 16.33 -5.68 -4.32
N SER B 348 16.18 -5.08 -5.48
CA SER B 348 14.87 -5.12 -6.14
C SER B 348 14.57 -6.55 -6.57
N PHE B 349 15.59 -7.28 -6.99
CA PHE B 349 15.44 -8.68 -7.43
C PHE B 349 14.99 -9.50 -6.25
N VAL B 350 15.67 -9.31 -5.10
CA VAL B 350 15.31 -10.07 -3.93
C VAL B 350 13.95 -9.71 -3.39
N SER B 351 13.65 -8.45 -3.41
CA SER B 351 12.34 -7.95 -3.00
C SER B 351 11.23 -8.61 -3.86
N CYS B 352 11.42 -8.79 -5.18
CA CYS B 352 10.41 -9.46 -5.96
C CYS B 352 10.30 -10.93 -5.57
N ILE B 353 11.39 -11.64 -5.32
CA ILE B 353 11.28 -13.00 -4.79
C ILE B 353 10.51 -13.04 -3.48
N ASP B 354 10.89 -12.19 -2.54
CA ASP B 354 10.25 -12.13 -1.21
C ASP B 354 8.75 -11.91 -1.41
N LYS B 355 8.42 -11.02 -2.32
CA LYS B 355 7.01 -10.69 -2.49
C LYS B 355 6.18 -11.81 -3.08
N MET B 356 6.78 -12.55 -4.01
CA MET B 356 6.05 -13.65 -4.63
C MET B 356 5.85 -14.80 -3.64
N ARG B 357 6.80 -15.01 -2.73
CA ARG B 357 6.58 -15.95 -1.67
C ARG B 357 5.52 -15.46 -0.68
N ASP B 358 5.63 -14.20 -0.32
CA ASP B 358 4.67 -13.49 0.58
C ASP B 358 3.25 -13.69 0.07
N TYR B 359 3.06 -13.55 -1.25
CA TYR B 359 1.72 -13.61 -1.82
C TYR B 359 1.32 -15.03 -2.21
N ARG B 360 2.19 -15.99 -1.88
CA ARG B 360 1.97 -17.43 -2.11
C ARG B 360 1.86 -17.87 -3.59
N PHE B 361 2.61 -17.18 -4.45
CA PHE B 361 2.70 -17.52 -5.87
C PHE B 361 3.76 -18.59 -6.04
N ILE B 362 4.73 -18.59 -5.15
CA ILE B 362 5.85 -19.49 -5.25
C ILE B 362 6.17 -19.97 -3.83
N PRO B 363 6.81 -21.13 -3.67
CA PRO B 363 6.98 -21.71 -2.34
C PRO B 363 7.87 -20.92 -1.42
N ALA B 364 7.57 -20.94 -0.14
CA ALA B 364 8.41 -20.28 0.85
C ALA B 364 9.76 -20.95 0.99
N SER B 365 10.72 -20.21 1.56
CA SER B 365 12.10 -20.65 1.83
C SER B 365 12.23 -22.12 2.22
#